data_3TZY
#
_entry.id   3TZY
#
_cell.length_a   105.890
_cell.length_b   105.890
_cell.length_c   259.620
_cell.angle_alpha   90.00
_cell.angle_beta   90.00
_cell.angle_gamma   90.00
#
_symmetry.space_group_name_H-M   'P 41 21 2'
#
loop_
_entity.id
_entity.type
_entity.pdbx_description
1 polymer 'Polyketide synthase PKS13'
2 polymer '12-mer peptide'
3 non-polymer 'PALMITIC ACID'
4 non-polymer GLYCEROL
5 non-polymer 'SULFATE ION'
6 water water
#
loop_
_entity_poly.entity_id
_entity_poly.type
_entity_poly.pdbx_seq_one_letter_code
_entity_poly.pdbx_strand_id
1 'polypeptide(L)'
;GSHMRFDEFGNIITDSAVAEEPEPELPGVTEEALRLKEAALEELAAQEVTAPLVPLAVSAFLTSRKKAAAAELADWMQSP
EGQASSLESIGRSLSRRNHGRSRAVVLAHDHDEAIKGLRAVAAGKQAPNVFSVDGPVTTGPVWVLAGFGAQHRKMGKSLY
LRNEVFAAWIEKVDALVQDELGYSVLELILDDAQDYGIETTQVTIFAIQIALGELLRHHGAKPAAVIGQSLGEAASAYFA
GGLSLRDATRAICSRSHLMGEGEAMLFGEYIRLMALVEYSADEIREVFSDFPDLEVCVYAAPTQTVIGGPPEQVDAILAR
AEAEGKFARKFATKGASHTSQMDPLLGELTAELQGIKPTSPTCGIFSTVHEGRYIKPGGEPIHDVEYWKKGLRHSVYFTH
GIRNAVDSGHTTFLELAPNPVALMQVALTTADAGLHDAQLIPTLARKQDEVSSMVSTMAQLYVYGHDLDIRTLFSRASGP
QDYANIPPTRF
;
A,B
2 'polypeptide(L)' SDKENFWGMAVA C,D
#
loop_
_chem_comp.id
_chem_comp.type
_chem_comp.name
_chem_comp.formula
GOL non-polymer GLYCEROL 'C3 H8 O3'
PLM non-polymer 'PALMITIC ACID' 'C16 H32 O2'
SO4 non-polymer 'SULFATE ION' 'O4 S -2'
#
# COMPACT_ATOMS: atom_id res chain seq x y z
N GLU A 25 36.23 35.08 -17.90
CA GLU A 25 34.74 35.09 -17.95
C GLU A 25 34.19 33.73 -18.44
N LEU A 26 32.87 33.61 -18.50
CA LEU A 26 32.24 32.31 -18.76
C LEU A 26 31.41 32.26 -20.04
N PRO A 27 31.26 31.04 -20.63
CA PRO A 27 30.44 30.88 -21.83
C PRO A 27 29.04 31.44 -21.59
N GLY A 28 28.43 32.01 -22.62
CA GLY A 28 27.03 32.40 -22.51
C GLY A 28 26.11 31.21 -22.62
N VAL A 29 24.81 31.50 -22.63
CA VAL A 29 23.81 30.50 -22.99
C VAL A 29 23.96 30.16 -24.47
N THR A 30 24.05 28.87 -24.78
CA THR A 30 24.23 28.40 -26.16
C THR A 30 23.05 28.79 -27.03
N GLU A 31 23.32 28.93 -28.33
CA GLU A 31 22.28 29.28 -29.30
C GLU A 31 21.20 28.21 -29.34
N GLU A 32 21.59 26.96 -29.11
CA GLU A 32 20.63 25.86 -29.11
C GLU A 32 19.71 25.93 -27.91
N ALA A 33 20.27 26.24 -26.75
CA ALA A 33 19.45 26.45 -25.57
C ALA A 33 18.44 27.55 -25.84
N LEU A 34 18.90 28.67 -26.40
CA LEU A 34 17.96 29.76 -26.77
C LEU A 34 16.88 29.29 -27.72
N ARG A 35 17.27 28.50 -28.71
CA ARG A 35 16.32 27.93 -29.67
C ARG A 35 15.28 27.13 -28.95
N LEU A 36 15.71 26.24 -28.04
CA LEU A 36 14.77 25.39 -27.30
C LEU A 36 13.92 26.23 -26.34
N LYS A 37 14.52 27.30 -25.82
CA LYS A 37 13.82 28.18 -24.89
C LYS A 37 12.61 28.84 -25.57
N GLU A 38 12.86 29.42 -26.76
CA GLU A 38 11.85 30.10 -27.59
C GLU A 38 10.68 29.16 -27.86
N ALA A 39 11.00 27.93 -28.26
CA ALA A 39 9.96 26.93 -28.54
C ALA A 39 9.22 26.47 -27.28
N ALA A 40 9.95 26.32 -26.17
CA ALA A 40 9.28 25.96 -24.91
C ALA A 40 8.30 27.06 -24.52
N LEU A 41 8.77 28.32 -24.59
CA LEU A 41 7.89 29.46 -24.27
C LEU A 41 6.66 29.48 -25.15
N GLU A 42 6.89 29.27 -26.45
CA GLU A 42 5.81 29.10 -27.43
C GLU A 42 4.77 28.10 -26.93
N GLU A 43 5.23 26.90 -26.55
CA GLU A 43 4.34 25.85 -26.05
C GLU A 43 3.61 26.27 -24.79
N LEU A 44 4.37 26.80 -23.83
CA LEU A 44 3.82 27.27 -22.55
C LEU A 44 2.73 28.31 -22.81
N ALA A 45 3.01 29.28 -23.67
CA ALA A 45 2.11 30.42 -23.88
C ALA A 45 0.77 29.97 -24.45
N ALA A 46 0.70 28.70 -24.86
CA ALA A 46 -0.47 28.17 -25.53
C ALA A 46 -1.29 27.20 -24.68
N GLN A 47 -0.80 26.81 -23.51
CA GLN A 47 -1.56 25.90 -22.64
C GLN A 47 -2.64 26.71 -21.95
N GLU A 48 -3.71 26.04 -21.49
CA GLU A 48 -4.75 26.70 -20.72
C GLU A 48 -4.19 27.11 -19.37
N VAL A 49 -4.30 28.40 -19.05
CA VAL A 49 -3.79 28.94 -17.79
C VAL A 49 -4.41 28.20 -16.59
N THR A 50 -3.55 27.72 -15.69
CA THR A 50 -3.97 27.14 -14.41
C THR A 50 -3.89 28.23 -13.33
N ALA A 51 -4.93 28.36 -12.51
CA ALA A 51 -4.94 29.38 -11.45
C ALA A 51 -3.80 29.10 -10.45
N PRO A 52 -3.01 30.13 -10.10
CA PRO A 52 -1.83 29.95 -9.24
C PRO A 52 -2.17 29.53 -7.82
N LEU A 53 -1.22 28.92 -7.12
CA LEU A 53 -1.43 28.54 -5.73
C LEU A 53 -0.98 29.71 -4.85
N VAL A 54 -1.88 30.17 -4.00
CA VAL A 54 -1.61 31.38 -3.20
C VAL A 54 -1.55 30.99 -1.73
N PRO A 55 -0.48 31.38 -1.01
CA PRO A 55 -0.42 31.11 0.42
C PRO A 55 -1.10 32.22 1.26
N LEU A 56 -1.95 31.82 2.20
CA LEU A 56 -2.62 32.78 3.11
C LEU A 56 -2.20 32.55 4.57
N ALA A 57 -1.30 33.43 5.04
CA ALA A 57 -0.72 33.40 6.37
C ALA A 57 -1.62 34.10 7.37
N VAL A 58 -1.85 33.41 8.48
CA VAL A 58 -2.68 33.87 9.59
C VAL A 58 -1.92 33.54 10.88
N SER A 59 -1.76 34.55 11.73
CA SER A 59 -0.75 34.56 12.79
C SER A 59 -1.25 35.34 14.03
N ALA A 60 -0.76 34.96 15.21
CA ALA A 60 -0.98 35.71 16.48
C ALA A 60 -0.17 35.07 17.60
N PHE A 61 -0.03 35.82 18.70
CA PHE A 61 0.63 35.31 19.91
C PHE A 61 -0.02 34.04 20.46
N LEU A 62 -1.35 33.97 20.47
CA LEU A 62 -2.01 32.77 20.99
C LEU A 62 -2.78 32.07 19.90
N THR A 63 -2.99 30.77 20.08
CA THR A 63 -3.68 29.95 19.09
C THR A 63 -5.15 30.32 18.95
N SER A 64 -5.84 30.54 20.08
CA SER A 64 -7.23 31.02 20.07
C SER A 64 -7.42 32.33 19.26
N ARG A 65 -6.47 33.24 19.37
CA ARG A 65 -6.56 34.48 18.65
C ARG A 65 -6.35 34.19 17.15
N LYS A 66 -5.38 33.32 16.84
CA LYS A 66 -5.15 32.84 15.47
C LYS A 66 -6.43 32.23 14.89
N LYS A 67 -7.07 31.33 15.62
CA LYS A 67 -8.30 30.68 15.15
C LYS A 67 -9.47 31.64 14.90
N ALA A 68 -9.54 32.72 15.70
CA ALA A 68 -10.58 33.72 15.49
C ALA A 68 -10.26 34.63 14.30
N ALA A 69 -9.00 35.04 14.15
CA ALA A 69 -8.59 35.76 12.95
C ALA A 69 -8.95 34.94 11.72
N ALA A 70 -8.61 33.65 11.76
CA ALA A 70 -8.91 32.74 10.68
C ALA A 70 -10.39 32.82 10.33
N ALA A 71 -11.23 32.61 11.34
CA ALA A 71 -12.68 32.63 11.21
C ALA A 71 -13.18 33.96 10.65
N GLU A 72 -12.66 35.07 11.18
CA GLU A 72 -12.98 36.41 10.69
C GLU A 72 -12.68 36.53 9.20
N LEU A 73 -11.43 36.24 8.83
CA LEU A 73 -10.98 36.30 7.44
C LEU A 73 -11.89 35.45 6.54
N ALA A 74 -12.27 34.27 7.01
CA ALA A 74 -13.17 33.43 6.27
C ALA A 74 -14.48 34.15 6.02
N ASP A 75 -15.11 34.63 7.09
CA ASP A 75 -16.38 35.40 6.99
C ASP A 75 -16.30 36.55 5.97
N TRP A 76 -15.36 37.44 6.15
CA TRP A 76 -15.09 38.48 5.18
C TRP A 76 -14.89 37.99 3.76
N MET A 77 -14.19 36.87 3.58
CA MET A 77 -13.98 36.30 2.22
C MET A 77 -15.28 35.80 1.61
N GLN A 78 -16.26 35.48 2.45
CA GLN A 78 -17.57 35.07 1.97
C GLN A 78 -18.44 36.24 1.52
N SER A 79 -18.07 37.46 1.91
CA SER A 79 -18.88 38.64 1.60
C SER A 79 -18.57 39.16 0.20
N PRO A 80 -19.57 39.77 -0.46
CA PRO A 80 -19.32 40.37 -1.79
C PRO A 80 -18.00 41.11 -1.90
N GLU A 81 -17.67 41.98 -0.94
CA GLU A 81 -16.39 42.69 -0.99
C GLU A 81 -15.21 41.70 -1.07
N GLY A 82 -15.24 40.66 -0.23
CA GLY A 82 -14.17 39.67 -0.20
C GLY A 82 -14.15 38.84 -1.47
N GLN A 83 -15.34 38.54 -1.98
CA GLN A 83 -15.49 37.79 -3.20
C GLN A 83 -15.01 38.59 -4.40
N ALA A 84 -14.94 39.91 -4.28
CA ALA A 84 -14.45 40.76 -5.37
C ALA A 84 -12.92 40.98 -5.33
N SER A 85 -12.28 40.50 -4.28
CA SER A 85 -10.86 40.77 -4.08
C SER A 85 -10.03 39.55 -4.49
N SER A 86 -8.94 39.77 -5.23
CA SER A 86 -8.14 38.63 -5.72
C SER A 86 -7.47 37.91 -4.57
N LEU A 87 -7.33 36.60 -4.70
CA LEU A 87 -6.58 35.82 -3.74
C LEU A 87 -5.18 36.42 -3.53
N GLU A 88 -4.55 36.83 -4.62
CA GLU A 88 -3.21 37.42 -4.57
C GLU A 88 -3.16 38.68 -3.70
N SER A 89 -4.22 39.50 -3.75
CA SER A 89 -4.26 40.73 -2.94
C SER A 89 -4.56 40.43 -1.47
N ILE A 90 -5.45 39.46 -1.22
CA ILE A 90 -5.63 38.98 0.15
C ILE A 90 -4.31 38.48 0.72
N GLY A 91 -3.57 37.71 -0.08
CA GLY A 91 -2.30 37.15 0.34
C GLY A 91 -1.25 38.19 0.67
N ARG A 92 -1.10 39.18 -0.20
CA ARG A 92 -0.11 40.24 -0.02
C ARG A 92 -0.38 41.01 1.26
N SER A 93 -1.66 41.28 1.52
CA SER A 93 -2.05 41.99 2.75
C SER A 93 -1.74 41.12 3.96
N LEU A 94 -2.23 39.87 3.94
CA LEU A 94 -1.95 38.94 5.03
C LEU A 94 -0.47 38.84 5.33
N SER A 95 0.34 38.94 4.27
CA SER A 95 1.77 38.75 4.35
C SER A 95 2.48 39.91 5.01
N ARG A 96 1.80 41.05 5.07
CA ARG A 96 2.40 42.27 5.59
C ARG A 96 2.08 42.46 7.07
N ARG A 97 1.20 41.62 7.60
CA ARG A 97 0.88 41.56 9.03
C ARG A 97 2.14 41.19 9.83
N ASN A 98 2.06 41.37 11.14
CA ASN A 98 3.17 40.97 11.97
C ASN A 98 3.03 39.49 12.21
N HIS A 99 4.14 38.76 12.14
CA HIS A 99 4.05 37.29 12.21
C HIS A 99 4.51 36.78 13.54
N GLY A 100 3.57 36.24 14.31
CA GLY A 100 3.82 35.86 15.68
C GLY A 100 3.99 34.36 15.90
N ARG A 101 4.02 34.01 17.19
CA ARG A 101 4.30 32.69 17.72
C ARG A 101 3.50 31.61 17.00
N SER A 102 2.18 31.73 17.07
CA SER A 102 1.30 30.71 16.54
C SER A 102 0.92 31.04 15.10
N ARG A 103 1.28 30.15 14.16
CA ARG A 103 1.11 30.39 12.72
C ARG A 103 0.24 29.36 12.00
N ALA A 104 -0.35 29.80 10.89
CA ALA A 104 -1.07 28.92 9.99
C ALA A 104 -0.90 29.45 8.57
N VAL A 105 -0.99 28.55 7.58
CA VAL A 105 -1.06 28.96 6.17
C VAL A 105 -2.10 28.11 5.50
N VAL A 106 -2.94 28.77 4.72
CA VAL A 106 -3.87 28.07 3.86
C VAL A 106 -3.36 28.28 2.43
N LEU A 107 -3.13 27.15 1.77
CA LEU A 107 -2.67 27.11 0.40
C LEU A 107 -3.87 26.95 -0.50
N ALA A 108 -4.19 27.96 -1.32
CA ALA A 108 -5.39 27.89 -2.13
C ALA A 108 -5.28 28.46 -3.56
N HIS A 109 -6.14 27.94 -4.43
CA HIS A 109 -6.23 28.33 -5.84
C HIS A 109 -7.38 29.26 -6.07
N ASP A 110 -8.37 29.23 -5.19
CA ASP A 110 -9.61 29.98 -5.35
C ASP A 110 -10.32 30.19 -4.02
N HIS A 111 -11.27 31.14 -4.02
CA HIS A 111 -12.00 31.52 -2.82
C HIS A 111 -12.56 30.39 -2.01
N ASP A 112 -13.21 29.43 -2.65
CA ASP A 112 -13.80 28.29 -1.93
C ASP A 112 -12.74 27.44 -1.19
N GLU A 113 -11.71 27.00 -1.90
CA GLU A 113 -10.56 26.34 -1.27
C GLU A 113 -10.16 27.16 -0.07
N ALA A 114 -9.96 28.46 -0.29
CA ALA A 114 -9.51 29.36 0.77
C ALA A 114 -10.42 29.30 2.00
N ILE A 115 -11.73 29.39 1.79
CA ILE A 115 -12.67 29.40 2.90
C ILE A 115 -12.69 28.04 3.61
N LYS A 116 -12.82 26.96 2.84
CA LYS A 116 -12.76 25.61 3.41
C LYS A 116 -11.49 25.51 4.27
N GLY A 117 -10.38 26.00 3.73
CA GLY A 117 -9.10 25.97 4.44
C GLY A 117 -9.15 26.68 5.77
N LEU A 118 -9.51 27.97 5.74
CA LEU A 118 -9.53 28.82 6.94
C LEU A 118 -10.48 28.31 8.02
N ARG A 119 -11.59 27.69 7.61
CA ARG A 119 -12.50 27.06 8.56
C ARG A 119 -11.73 26.01 9.34
N ALA A 120 -10.99 25.16 8.63
CA ALA A 120 -10.24 24.12 9.31
C ALA A 120 -9.25 24.70 10.32
N VAL A 121 -8.50 25.72 9.91
CA VAL A 121 -7.61 26.41 10.85
C VAL A 121 -8.38 26.85 12.08
N ALA A 122 -9.57 27.43 11.85
CA ALA A 122 -10.38 27.95 12.94
C ALA A 122 -10.86 26.80 13.82
N ALA A 123 -11.36 25.74 13.20
CA ALA A 123 -11.87 24.55 13.90
C ALA A 123 -10.78 23.61 14.45
N GLY A 124 -9.52 24.03 14.41
CA GLY A 124 -8.37 23.20 14.78
C GLY A 124 -8.32 21.85 14.07
N LYS A 125 -8.96 21.76 12.90
CA LYS A 125 -9.05 20.50 12.18
C LYS A 125 -7.98 20.40 11.09
N GLN A 126 -7.64 19.16 10.73
CA GLN A 126 -6.57 18.84 9.78
C GLN A 126 -7.02 18.99 8.33
N ALA A 127 -6.14 19.44 7.45
CA ALA A 127 -6.43 19.40 6.01
C ALA A 127 -5.17 19.41 5.17
N PRO A 128 -5.18 18.70 4.04
CA PRO A 128 -3.98 18.69 3.19
C PRO A 128 -3.47 20.08 2.77
N ASN A 129 -4.36 21.01 2.47
CA ASN A 129 -3.85 22.34 2.05
C ASN A 129 -3.64 23.34 3.19
N VAL A 130 -3.68 22.83 4.42
CA VAL A 130 -3.54 23.62 5.65
C VAL A 130 -2.36 23.15 6.47
N PHE A 131 -1.60 24.10 6.97
CA PHE A 131 -0.62 23.85 8.01
C PHE A 131 -0.86 24.86 9.15
N SER A 132 -0.80 24.37 10.38
CA SER A 132 -1.11 25.16 11.56
C SER A 132 -0.33 24.67 12.75
N VAL A 133 0.34 25.58 13.44
CA VAL A 133 1.20 25.18 14.52
C VAL A 133 1.19 26.17 15.70
N ASP A 134 1.30 25.66 16.93
CA ASP A 134 1.23 26.52 18.12
C ASP A 134 2.40 27.47 18.29
N GLY A 135 3.59 27.09 17.81
CA GLY A 135 4.78 27.93 17.99
C GLY A 135 5.91 27.46 17.08
N PRO A 136 7.05 28.17 17.06
CA PRO A 136 8.10 27.74 16.15
C PRO A 136 8.68 26.38 16.53
N VAL A 137 9.28 25.72 15.55
CA VAL A 137 10.05 24.53 15.78
C VAL A 137 11.36 25.07 16.38
N THR A 138 11.91 24.41 17.40
CA THR A 138 13.06 25.00 18.07
C THR A 138 14.41 24.87 17.40
N THR A 139 14.60 23.88 16.53
CA THR A 139 15.87 23.86 15.82
C THR A 139 15.72 24.14 14.33
N GLY A 140 16.76 24.72 13.74
CA GLY A 140 16.85 25.01 12.31
C GLY A 140 16.73 23.79 11.38
N PRO A 141 16.46 24.04 10.08
CA PRO A 141 16.24 22.98 9.13
C PRO A 141 17.52 22.26 8.72
N VAL A 142 17.37 20.96 8.50
CA VAL A 142 18.41 20.21 7.76
C VAL A 142 18.06 20.19 6.26
N TRP A 143 18.95 20.73 5.45
CA TRP A 143 18.82 20.59 4.01
C TRP A 143 19.43 19.28 3.54
N VAL A 144 18.58 18.45 2.96
CA VAL A 144 18.96 17.14 2.41
C VAL A 144 19.26 17.29 0.91
N LEU A 145 20.51 17.06 0.54
CA LEU A 145 20.95 17.01 -0.84
C LEU A 145 21.22 15.56 -1.25
N ALA A 146 20.24 14.90 -1.86
CA ALA A 146 20.48 13.54 -2.36
C ALA A 146 20.50 13.54 -3.91
N GLY A 147 19.61 12.79 -4.54
CA GLY A 147 19.49 12.86 -5.99
C GLY A 147 19.38 11.48 -6.65
N PHE A 148 20.20 10.58 -6.13
CA PHE A 148 20.21 9.18 -6.52
C PHE A 148 18.81 8.64 -6.78
N GLY A 149 18.52 8.32 -8.03
CA GLY A 149 17.20 7.75 -8.37
C GLY A 149 16.04 8.71 -8.38
N ALA A 150 16.31 10.01 -8.46
CA ALA A 150 15.21 11.00 -8.44
C ALA A 150 15.02 11.71 -9.78
N GLN A 151 15.98 11.55 -10.67
CA GLN A 151 15.87 12.17 -11.99
C GLN A 151 14.60 11.76 -12.76
N HIS A 152 14.12 12.65 -13.62
CA HIS A 152 13.04 12.37 -14.56
C HIS A 152 13.13 13.37 -15.69
N ARG A 153 12.60 13.00 -16.85
CA ARG A 153 12.94 13.68 -18.10
C ARG A 153 12.79 15.18 -18.07
N LYS A 154 11.70 15.66 -17.50
CA LYS A 154 11.41 17.09 -17.55
C LYS A 154 11.88 17.92 -16.33
N MET A 155 12.52 17.28 -15.38
CA MET A 155 12.97 17.99 -14.18
C MET A 155 13.57 19.39 -14.37
N GLY A 156 13.00 20.34 -13.63
CA GLY A 156 13.53 21.70 -13.53
C GLY A 156 13.10 22.65 -14.65
N LYS A 157 12.47 22.07 -15.68
CA LYS A 157 12.21 22.80 -16.92
C LYS A 157 11.18 23.90 -16.71
N SER A 158 10.06 23.50 -16.12
CA SER A 158 8.94 24.36 -15.90
C SER A 158 9.33 25.51 -14.93
N LEU A 159 10.09 25.18 -13.87
CA LEU A 159 10.53 26.22 -12.95
C LEU A 159 11.55 27.10 -13.63
N TYR A 160 12.39 26.52 -14.50
CA TYR A 160 13.36 27.34 -15.27
C TYR A 160 12.67 28.44 -16.10
N LEU A 161 11.57 28.04 -16.74
CA LEU A 161 10.81 28.85 -17.68
C LEU A 161 9.98 29.91 -16.97
N ARG A 162 9.60 29.64 -15.72
CA ARG A 162 8.63 30.44 -15.00
C ARG A 162 9.20 31.26 -13.84
N ASN A 163 10.43 30.96 -13.39
CA ASN A 163 11.03 31.62 -12.24
C ASN A 163 12.41 32.19 -12.56
N GLU A 164 12.47 33.52 -12.65
CA GLU A 164 13.67 34.25 -13.06
C GLU A 164 14.87 34.06 -12.13
N VAL A 165 14.63 33.85 -10.84
CA VAL A 165 15.75 33.68 -9.91
C VAL A 165 16.37 32.29 -10.12
N PHE A 166 15.52 31.26 -10.11
CA PHE A 166 15.88 29.87 -10.41
C PHE A 166 16.65 29.79 -11.75
N ALA A 167 16.01 30.29 -12.82
CA ALA A 167 16.62 30.40 -14.14
C ALA A 167 18.02 30.92 -14.07
N ALA A 168 18.19 32.03 -13.34
CA ALA A 168 19.52 32.67 -13.24
C ALA A 168 20.57 31.76 -12.65
N TRP A 169 20.17 30.93 -11.69
CA TRP A 169 21.16 30.09 -11.05
C TRP A 169 21.44 28.88 -11.91
N ILE A 170 20.40 28.34 -12.55
CA ILE A 170 20.63 27.33 -13.57
C ILE A 170 21.60 27.78 -14.65
N GLU A 171 21.39 28.98 -15.16
CA GLU A 171 22.27 29.50 -16.20
C GLU A 171 23.70 29.67 -15.71
N LYS A 172 23.90 30.00 -14.43
CA LYS A 172 25.26 30.11 -13.89
C LYS A 172 25.94 28.74 -13.83
N VAL A 173 25.26 27.72 -13.31
CA VAL A 173 25.82 26.36 -13.30
C VAL A 173 26.01 25.87 -14.73
N ASP A 174 25.03 26.11 -15.59
CA ASP A 174 25.18 25.79 -17.01
C ASP A 174 26.50 26.39 -17.55
N ALA A 175 26.73 27.67 -17.33
CA ALA A 175 27.97 28.32 -17.77
C ALA A 175 29.22 27.62 -17.25
N LEU A 176 29.24 27.28 -15.95
CA LEU A 176 30.41 26.67 -15.32
C LEU A 176 30.63 25.24 -15.79
N VAL A 177 29.55 24.53 -16.05
CA VAL A 177 29.67 23.17 -16.53
C VAL A 177 30.10 23.13 -18.00
N GLN A 178 29.64 24.09 -18.80
CA GLN A 178 30.10 24.22 -20.18
C GLN A 178 31.60 24.34 -20.12
N ASP A 179 32.09 25.20 -19.21
CA ASP A 179 33.51 25.41 -19.03
C ASP A 179 34.20 24.10 -18.64
N GLU A 180 33.64 23.38 -17.66
CA GLU A 180 34.24 22.12 -17.19
C GLU A 180 34.17 20.97 -18.20
N LEU A 181 33.02 20.78 -18.81
CA LEU A 181 32.76 19.55 -19.54
C LEU A 181 32.48 19.77 -21.02
N GLY A 182 32.26 21.02 -21.44
CA GLY A 182 32.09 21.32 -22.85
C GLY A 182 30.71 21.06 -23.41
N TYR A 183 29.73 20.81 -22.55
CA TYR A 183 28.33 20.78 -23.00
C TYR A 183 27.38 21.58 -22.10
N SER A 184 26.16 21.80 -22.59
CA SER A 184 25.16 22.59 -21.91
C SER A 184 24.13 21.71 -21.20
N VAL A 185 24.08 21.83 -19.87
CA VAL A 185 23.05 21.16 -19.07
C VAL A 185 21.66 21.74 -19.34
N LEU A 186 21.61 23.05 -19.60
CA LEU A 186 20.32 23.73 -19.84
C LEU A 186 19.61 23.17 -21.09
N GLU A 187 20.41 22.89 -22.12
CA GLU A 187 19.90 22.19 -23.30
C GLU A 187 19.17 20.92 -22.96
N LEU A 188 19.75 20.12 -22.05
CA LEU A 188 19.12 18.87 -21.65
C LEU A 188 17.80 19.13 -20.96
N ILE A 189 17.81 20.12 -20.08
CA ILE A 189 16.64 20.50 -19.32
C ILE A 189 15.54 20.92 -20.28
N LEU A 190 15.90 21.66 -21.31
CA LEU A 190 14.88 22.29 -22.16
C LEU A 190 14.34 21.33 -23.20
N ASP A 191 15.10 20.27 -23.48
CA ASP A 191 14.80 19.40 -24.61
C ASP A 191 14.11 18.10 -24.20
N ASP A 192 12.80 18.06 -24.40
CA ASP A 192 11.97 16.90 -24.05
C ASP A 192 12.44 15.57 -24.66
N ALA A 193 13.18 15.65 -25.78
CA ALA A 193 13.71 14.48 -26.49
C ALA A 193 14.90 13.81 -25.77
N GLN A 194 15.62 14.56 -24.95
CA GLN A 194 16.75 14.01 -24.23
C GLN A 194 16.32 13.36 -22.94
N ASP A 195 16.91 12.21 -22.62
CA ASP A 195 16.81 11.69 -21.27
C ASP A 195 18.21 11.75 -20.68
N TYR A 196 18.33 11.36 -19.41
CA TYR A 196 19.55 11.52 -18.63
C TYR A 196 20.33 10.21 -18.49
N GLY A 197 21.63 10.31 -18.34
CA GLY A 197 22.47 9.11 -18.17
C GLY A 197 23.32 9.18 -16.92
N ILE A 198 24.20 8.20 -16.73
CA ILE A 198 25.07 8.18 -15.57
C ILE A 198 25.69 9.56 -15.32
N GLU A 199 26.26 10.14 -16.37
CA GLU A 199 26.98 11.38 -16.22
C GLU A 199 26.04 12.59 -16.13
N THR A 200 25.06 12.66 -17.02
CA THR A 200 24.26 13.88 -17.13
C THR A 200 23.17 13.95 -16.07
N THR A 201 22.79 12.81 -15.52
CA THR A 201 21.89 12.74 -14.36
C THR A 201 22.50 13.53 -13.20
N GLN A 202 23.79 13.33 -13.00
CA GLN A 202 24.45 13.91 -11.85
C GLN A 202 24.62 15.41 -11.96
N VAL A 203 25.08 15.89 -13.11
CA VAL A 203 25.38 17.30 -13.17
C VAL A 203 24.10 18.13 -13.28
N THR A 204 23.03 17.53 -13.83
CA THR A 204 21.79 18.23 -13.99
C THR A 204 21.00 18.34 -12.68
N ILE A 205 20.92 17.25 -11.93
CA ILE A 205 20.40 17.31 -10.56
C ILE A 205 21.15 18.35 -9.73
N PHE A 206 22.47 18.34 -9.82
CA PHE A 206 23.31 19.30 -9.16
C PHE A 206 22.89 20.72 -9.50
N ALA A 207 22.78 21.05 -10.79
CA ALA A 207 22.32 22.40 -11.21
C ALA A 207 21.00 22.74 -10.54
N ILE A 208 20.09 21.77 -10.52
CA ILE A 208 18.77 21.98 -9.98
C ILE A 208 18.86 22.18 -8.45
N GLN A 209 19.71 21.39 -7.81
CA GLN A 209 19.95 21.53 -6.37
C GLN A 209 20.50 22.91 -5.99
N ILE A 210 21.51 23.35 -6.72
CA ILE A 210 22.08 24.68 -6.55
C ILE A 210 21.01 25.75 -6.73
N ALA A 211 20.23 25.66 -7.81
CA ALA A 211 19.26 26.71 -8.13
C ALA A 211 18.10 26.72 -7.16
N LEU A 212 17.69 25.54 -6.67
CA LEU A 212 16.63 25.52 -5.67
C LEU A 212 17.06 26.16 -4.34
N GLY A 213 18.28 25.86 -3.91
CA GLY A 213 18.78 26.33 -2.63
C GLY A 213 18.86 27.82 -2.64
N GLU A 214 19.32 28.38 -3.77
CA GLU A 214 19.53 29.80 -3.91
C GLU A 214 18.23 30.57 -4.15
N LEU A 215 17.26 29.90 -4.75
CA LEU A 215 15.91 30.43 -4.87
C LEU A 215 15.40 30.64 -3.46
N LEU A 216 15.44 29.57 -2.68
CA LEU A 216 15.07 29.58 -1.26
C LEU A 216 15.80 30.69 -0.47
N ARG A 217 17.12 30.72 -0.57
CA ARG A 217 17.90 31.76 0.09
C ARG A 217 17.41 33.14 -0.30
N HIS A 218 17.06 33.30 -1.57
CA HIS A 218 16.49 34.54 -2.09
C HIS A 218 15.27 34.96 -1.33
N HIS A 219 14.46 34.01 -0.92
CA HIS A 219 13.29 34.31 -0.09
C HIS A 219 13.51 34.34 1.42
N GLY A 220 14.77 34.42 1.87
CA GLY A 220 15.08 34.48 3.33
C GLY A 220 15.52 33.19 4.04
N ALA A 221 15.34 32.02 3.41
CA ALA A 221 15.71 30.76 4.04
C ALA A 221 17.22 30.53 4.17
N LYS A 222 17.60 29.69 5.13
CA LYS A 222 19.00 29.30 5.31
C LYS A 222 18.97 27.93 5.96
N PRO A 223 19.92 27.06 5.62
CA PRO A 223 19.99 25.78 6.31
C PRO A 223 20.65 25.94 7.70
N ALA A 224 20.15 25.26 8.73
CA ALA A 224 20.91 25.17 9.97
C ALA A 224 22.03 24.13 9.80
N ALA A 225 21.75 23.11 8.98
CA ALA A 225 22.69 22.05 8.70
C ALA A 225 22.37 21.43 7.34
N VAL A 226 23.39 20.83 6.73
CA VAL A 226 23.18 20.01 5.55
C VAL A 226 23.52 18.54 5.81
N ILE A 227 22.91 17.69 5.00
CA ILE A 227 23.31 16.31 4.91
C ILE A 227 23.27 15.95 3.41
N GLY A 228 24.39 15.40 2.94
CA GLY A 228 24.51 14.88 1.56
C GLY A 228 24.25 13.40 1.45
N GLN A 229 23.92 12.95 0.25
CA GLN A 229 23.80 11.52 -0.06
C GLN A 229 24.31 11.28 -1.49
N SER A 230 25.40 10.51 -1.61
CA SER A 230 25.98 10.14 -2.91
C SER A 230 26.22 11.37 -3.77
N LEU A 231 25.55 11.44 -4.91
CA LEU A 231 25.81 12.50 -5.85
C LEU A 231 25.45 13.89 -5.28
N GLY A 232 24.57 13.93 -4.27
CA GLY A 232 24.15 15.20 -3.67
C GLY A 232 25.22 15.89 -2.85
N GLU A 233 26.21 15.12 -2.39
CA GLU A 233 27.31 15.66 -1.58
C GLU A 233 27.99 16.90 -2.12
N ALA A 234 28.14 17.02 -3.45
CA ALA A 234 28.75 18.25 -3.99
C ALA A 234 27.89 19.51 -3.71
N ALA A 235 26.57 19.40 -3.86
CA ALA A 235 25.67 20.51 -3.59
C ALA A 235 25.72 20.86 -2.10
N SER A 236 25.77 19.85 -1.24
CA SER A 236 25.74 20.08 0.18
C SER A 236 27.00 20.81 0.63
N ALA A 237 28.11 20.51 -0.02
CA ALA A 237 29.36 21.20 0.31
C ALA A 237 29.29 22.68 -0.05
N TYR A 238 28.56 23.02 -1.12
CA TYR A 238 28.39 24.42 -1.54
C TYR A 238 27.50 25.20 -0.59
N PHE A 239 26.37 24.58 -0.20
CA PHE A 239 25.45 25.20 0.74
C PHE A 239 25.96 25.20 2.18
N ALA A 240 26.95 24.37 2.48
CA ALA A 240 27.57 24.39 3.79
C ALA A 240 28.73 25.36 3.83
N GLY A 241 28.96 26.08 2.73
CA GLY A 241 30.07 27.00 2.64
C GLY A 241 31.41 26.27 2.67
N GLY A 242 31.40 24.99 2.33
CA GLY A 242 32.61 24.14 2.36
C GLY A 242 33.47 24.27 1.12
N LEU A 243 32.84 24.66 0.01
CA LEU A 243 33.51 24.89 -1.28
C LEU A 243 32.81 25.99 -2.05
N SER A 244 33.57 26.71 -2.86
CA SER A 244 33.02 27.69 -3.77
C SER A 244 32.10 27.03 -4.82
N LEU A 245 31.23 27.82 -5.43
CA LEU A 245 30.38 27.25 -6.48
C LEU A 245 31.21 26.62 -7.58
N ARG A 246 32.30 27.29 -7.97
CA ARG A 246 33.18 26.70 -8.98
C ARG A 246 33.78 25.38 -8.49
N ASP A 247 34.28 25.36 -7.26
CA ASP A 247 34.96 24.15 -6.81
C ASP A 247 34.01 22.98 -6.60
N ALA A 248 32.76 23.29 -6.23
CA ALA A 248 31.73 22.27 -6.04
C ALA A 248 31.28 21.71 -7.39
N THR A 249 31.28 22.57 -8.41
CA THR A 249 30.95 22.16 -9.78
C THR A 249 32.04 21.21 -10.29
N ARG A 250 33.31 21.54 -10.04
CA ARG A 250 34.45 20.66 -10.32
C ARG A 250 34.22 19.27 -9.72
N ALA A 251 33.94 19.24 -8.43
CA ALA A 251 33.71 17.98 -7.75
C ALA A 251 32.64 17.16 -8.46
N ILE A 252 31.51 17.77 -8.80
CA ILE A 252 30.46 17.00 -9.47
C ILE A 252 30.83 16.62 -10.93
N CYS A 253 31.54 17.51 -11.63
CA CYS A 253 31.88 17.28 -13.04
C CYS A 253 32.96 16.19 -13.16
N SER A 254 34.02 16.34 -12.37
CA SER A 254 35.10 15.37 -12.37
C SER A 254 34.53 13.99 -12.17
N ARG A 255 33.70 13.84 -11.16
CA ARG A 255 33.18 12.53 -10.80
C ARG A 255 32.17 11.92 -11.81
N SER A 256 31.21 12.71 -12.24
CA SER A 256 30.14 12.19 -13.11
C SER A 256 30.66 11.72 -14.46
N HIS A 257 31.67 12.42 -15.00
CA HIS A 257 32.18 12.04 -16.34
C HIS A 257 33.07 10.84 -16.27
N LEU A 258 33.95 10.82 -15.26
CA LEU A 258 34.74 9.64 -14.98
C LEU A 258 33.83 8.45 -14.81
N MET A 259 32.76 8.63 -14.05
CA MET A 259 31.86 7.53 -13.77
C MET A 259 31.12 7.07 -15.01
N GLY A 260 30.68 8.01 -15.83
CA GLY A 260 29.89 7.69 -17.02
C GLY A 260 30.73 6.95 -18.05
N GLU A 261 31.92 7.49 -18.32
CA GLU A 261 32.91 6.88 -19.22
C GLU A 261 33.33 5.50 -18.73
N GLY A 262 33.60 5.38 -17.43
CA GLY A 262 33.95 4.07 -16.87
C GLY A 262 32.81 3.08 -17.06
N GLU A 263 31.58 3.48 -16.73
CA GLU A 263 30.46 2.54 -16.77
C GLU A 263 30.06 2.19 -18.19
N ALA A 264 30.31 3.10 -19.12
CA ALA A 264 29.99 2.89 -20.54
C ALA A 264 30.86 1.79 -21.18
N MET A 265 32.06 1.57 -20.63
CA MET A 265 33.01 0.60 -21.15
C MET A 265 32.84 -0.77 -20.52
N LEU A 266 31.82 -0.92 -19.66
CA LEU A 266 31.64 -2.13 -18.88
C LEU A 266 30.76 -3.13 -19.60
N PHE A 267 31.26 -4.33 -19.80
CA PHE A 267 30.42 -5.41 -20.35
C PHE A 267 30.71 -6.71 -19.63
N GLY A 268 29.73 -7.60 -19.65
CA GLY A 268 29.83 -8.93 -19.04
C GLY A 268 30.39 -9.00 -17.62
N GLU A 269 31.60 -9.56 -17.53
CA GLU A 269 32.22 -9.97 -16.25
C GLU A 269 32.66 -8.78 -15.37
N TYR A 270 32.78 -7.61 -15.98
CA TYR A 270 33.10 -6.36 -15.28
C TYR A 270 31.87 -5.61 -14.75
N ILE A 271 30.67 -5.96 -15.24
CA ILE A 271 29.45 -5.28 -14.85
C ILE A 271 29.20 -5.45 -13.35
N ARG A 272 28.71 -4.39 -12.69
CA ARG A 272 28.30 -4.44 -11.27
C ARG A 272 27.01 -3.69 -11.17
N LEU A 273 25.99 -4.34 -10.62
CA LEU A 273 24.69 -3.69 -10.47
C LEU A 273 24.54 -3.01 -9.07
N MET A 274 23.48 -2.21 -8.95
CA MET A 274 23.04 -1.60 -7.68
C MET A 274 21.57 -1.88 -7.52
N ALA A 275 21.20 -2.25 -6.31
CA ALA A 275 19.82 -2.54 -5.96
C ALA A 275 19.55 -2.09 -4.51
N LEU A 276 18.32 -1.63 -4.27
CA LEU A 276 17.81 -1.36 -2.91
C LEU A 276 17.11 -2.59 -2.40
N VAL A 277 17.48 -3.01 -1.20
CA VAL A 277 16.85 -4.16 -0.62
C VAL A 277 16.48 -3.90 0.84
N GLU A 278 15.39 -4.52 1.27
CA GLU A 278 14.84 -4.30 2.61
C GLU A 278 15.55 -5.13 3.66
N TYR A 279 16.82 -4.84 3.89
CA TYR A 279 17.57 -5.45 4.97
C TYR A 279 18.32 -4.35 5.71
N SER A 280 18.42 -4.46 7.03
CA SER A 280 19.24 -3.54 7.83
C SER A 280 20.73 -3.87 7.73
N ALA A 281 21.58 -2.94 8.16
CA ALA A 281 23.02 -3.21 8.24
C ALA A 281 23.28 -4.54 8.93
N ASP A 282 22.46 -4.86 9.94
CA ASP A 282 22.69 -6.04 10.75
C ASP A 282 22.26 -7.31 10.07
N GLU A 283 21.12 -7.29 9.41
CA GLU A 283 20.69 -8.40 8.60
C GLU A 283 21.70 -8.64 7.46
N ILE A 284 22.14 -7.54 6.82
CA ILE A 284 23.14 -7.58 5.75
C ILE A 284 24.47 -8.24 6.16
N ARG A 285 24.93 -7.96 7.38
CA ARG A 285 26.09 -8.69 7.91
C ARG A 285 25.92 -10.23 7.76
N GLU A 286 24.76 -10.77 8.13
CA GLU A 286 24.53 -12.20 8.02
C GLU A 286 24.28 -12.64 6.57
N VAL A 287 23.40 -11.92 5.88
CA VAL A 287 22.99 -12.22 4.52
C VAL A 287 24.18 -12.29 3.58
N PHE A 288 25.14 -11.40 3.78
CA PHE A 288 26.26 -11.25 2.87
C PHE A 288 27.20 -12.44 2.91
N SER A 289 27.08 -13.31 3.91
CA SER A 289 27.99 -14.42 3.97
C SER A 289 27.63 -15.47 2.88
N ASP A 290 26.54 -15.26 2.16
CA ASP A 290 26.23 -16.12 1.03
C ASP A 290 26.68 -15.50 -0.30
N PHE A 291 27.11 -14.26 -0.25
CA PHE A 291 27.35 -13.46 -1.44
C PHE A 291 28.67 -12.70 -1.29
N PRO A 292 29.80 -13.38 -1.52
CA PRO A 292 31.10 -12.84 -1.10
C PRO A 292 31.50 -11.58 -1.84
N ASP A 293 30.83 -11.23 -2.93
CA ASP A 293 31.27 -10.01 -3.64
C ASP A 293 30.26 -8.85 -3.57
N LEU A 294 29.25 -9.00 -2.73
CA LEU A 294 28.34 -7.88 -2.54
C LEU A 294 28.97 -6.84 -1.61
N GLU A 295 28.65 -5.58 -1.84
CA GLU A 295 29.09 -4.50 -0.96
C GLU A 295 27.90 -3.58 -0.68
N VAL A 296 28.00 -2.80 0.39
CA VAL A 296 26.95 -1.86 0.77
C VAL A 296 27.23 -0.53 0.08
N CYS A 297 26.27 -0.03 -0.68
CA CYS A 297 26.48 1.28 -1.31
C CYS A 297 25.95 2.40 -0.40
N VAL A 298 24.73 2.23 0.08
CA VAL A 298 24.07 3.26 0.86
C VAL A 298 23.25 2.59 1.93
N TYR A 299 23.53 2.93 3.17
CA TYR A 299 22.64 2.58 4.27
C TYR A 299 21.54 3.64 4.25
N ALA A 300 20.42 3.36 3.58
CA ALA A 300 19.38 4.37 3.28
C ALA A 300 18.44 4.68 4.44
N ALA A 301 17.95 3.65 5.09
CA ALA A 301 17.00 3.75 6.17
C ALA A 301 17.41 2.65 7.14
N PRO A 302 16.82 2.62 8.36
CA PRO A 302 17.30 1.57 9.27
C PRO A 302 17.05 0.16 8.70
N THR A 303 16.09 0.06 7.81
CA THR A 303 15.61 -1.20 7.26
C THR A 303 15.91 -1.35 5.75
N GLN A 304 16.52 -0.33 5.16
CA GLN A 304 16.77 -0.31 3.73
C GLN A 304 18.22 -0.01 3.39
N THR A 305 18.79 -0.86 2.54
CA THR A 305 20.17 -0.73 2.13
C THR A 305 20.30 -0.87 0.59
N VAL A 306 21.08 0.02 -0.01
CA VAL A 306 21.50 -0.14 -1.41
C VAL A 306 22.80 -0.94 -1.47
N ILE A 307 22.72 -2.09 -2.12
CA ILE A 307 23.87 -2.97 -2.29
C ILE A 307 24.38 -2.96 -3.73
N GLY A 308 25.60 -3.45 -3.92
CA GLY A 308 26.21 -3.51 -5.22
C GLY A 308 27.14 -4.69 -5.42
N GLY A 309 27.17 -5.17 -6.66
CA GLY A 309 28.15 -6.21 -7.04
C GLY A 309 27.73 -6.94 -8.31
N PRO A 310 28.26 -8.18 -8.49
CA PRO A 310 28.02 -8.99 -9.70
C PRO A 310 26.53 -9.29 -9.88
N PRO A 311 26.03 -9.17 -11.12
CA PRO A 311 24.63 -9.42 -11.42
C PRO A 311 24.09 -10.71 -10.88
N GLU A 312 24.84 -11.81 -11.00
CA GLU A 312 24.33 -13.08 -10.52
C GLU A 312 24.13 -13.03 -8.98
N GLN A 313 25.04 -12.44 -8.23
CA GLN A 313 24.82 -12.26 -6.78
C GLN A 313 23.73 -11.19 -6.46
N VAL A 314 23.74 -10.07 -7.18
CA VAL A 314 22.63 -9.11 -7.00
C VAL A 314 21.29 -9.80 -7.23
N ASP A 315 21.13 -10.46 -8.37
CA ASP A 315 19.92 -11.27 -8.64
C ASP A 315 19.60 -12.28 -7.53
N ALA A 316 20.64 -12.89 -6.95
CA ALA A 316 20.35 -13.85 -5.92
C ALA A 316 19.81 -13.21 -4.62
N ILE A 317 20.37 -12.09 -4.19
CA ILE A 317 19.89 -11.46 -2.95
C ILE A 317 18.46 -10.95 -3.16
N LEU A 318 18.18 -10.44 -4.35
CA LEU A 318 16.86 -9.95 -4.74
C LEU A 318 15.84 -11.03 -4.62
N ALA A 319 16.18 -12.22 -5.11
CA ALA A 319 15.24 -13.34 -5.05
C ALA A 319 15.13 -13.90 -3.64
N ARG A 320 16.16 -13.72 -2.83
CA ARG A 320 16.04 -14.14 -1.42
C ARG A 320 15.14 -13.15 -0.60
N ALA A 321 15.11 -11.89 -1.02
CA ALA A 321 14.26 -10.88 -0.39
C ALA A 321 12.81 -11.19 -0.74
N GLU A 322 12.51 -11.15 -2.04
CA GLU A 322 11.26 -11.65 -2.59
C GLU A 322 10.69 -12.89 -1.87
N ALA A 323 11.54 -13.87 -1.56
CA ALA A 323 11.07 -15.08 -0.88
C ALA A 323 10.85 -14.88 0.62
N GLU A 324 11.41 -13.81 1.17
CA GLU A 324 11.21 -13.51 2.59
C GLU A 324 10.10 -12.47 2.82
N GLY A 325 9.61 -11.88 1.73
CA GLY A 325 8.55 -10.88 1.79
C GLY A 325 9.03 -9.45 1.81
N LYS A 326 10.32 -9.26 1.51
CA LYS A 326 10.97 -7.96 1.60
C LYS A 326 11.05 -7.31 0.23
N PHE A 327 11.08 -5.98 0.24
CA PHE A 327 11.12 -5.17 -0.96
C PHE A 327 12.53 -5.17 -1.53
N ALA A 328 12.63 -5.02 -2.86
CA ALA A 328 13.91 -4.87 -3.56
C ALA A 328 13.72 -4.31 -4.97
N ARG A 329 14.74 -3.64 -5.49
CA ARG A 329 14.64 -2.97 -6.80
C ARG A 329 16.02 -2.62 -7.35
N LYS A 330 16.22 -2.88 -8.66
CA LYS A 330 17.48 -2.57 -9.35
C LYS A 330 17.59 -1.13 -9.83
N PHE A 331 18.79 -0.58 -9.78
CA PHE A 331 19.05 0.71 -10.39
C PHE A 331 19.68 0.53 -11.77
N ALA A 332 19.44 1.47 -12.66
CA ALA A 332 19.90 1.38 -14.03
C ALA A 332 21.30 1.95 -14.11
N THR A 333 22.29 1.04 -14.08
CA THR A 333 23.70 1.38 -14.15
C THR A 333 24.48 0.09 -14.37
N LYS A 334 25.49 0.13 -15.23
CA LYS A 334 26.40 -1.03 -15.40
C LYS A 334 27.50 -1.00 -14.34
N GLY A 335 27.57 0.13 -13.64
CA GLY A 335 28.58 0.36 -12.60
C GLY A 335 28.03 0.66 -11.19
N ALA A 336 28.80 0.21 -10.23
CA ALA A 336 28.41 0.29 -8.84
C ALA A 336 29.16 1.43 -8.22
N SER A 337 28.52 2.59 -8.07
CA SER A 337 29.13 3.62 -7.19
C SER A 337 29.24 3.10 -5.74
N HIS A 338 30.25 3.59 -5.02
CA HIS A 338 30.45 3.26 -3.60
C HIS A 338 30.97 1.88 -3.29
N THR A 339 31.86 1.37 -4.16
CA THR A 339 32.53 0.06 -4.01
C THR A 339 34.03 0.14 -4.39
N SER A 340 34.76 -0.95 -4.16
CA SER A 340 36.11 -1.12 -4.73
C SER A 340 36.22 -0.98 -6.29
N GLN A 341 35.19 -1.38 -7.05
CA GLN A 341 35.18 -1.19 -8.53
C GLN A 341 35.65 0.21 -8.92
N MET A 342 35.16 1.20 -8.18
CA MET A 342 35.50 2.58 -8.46
C MET A 342 37.00 2.91 -8.31
N ASP A 343 37.79 1.93 -7.83
CA ASP A 343 39.25 2.14 -7.66
C ASP A 343 40.06 2.67 -8.85
N PRO A 344 39.74 2.27 -10.10
CA PRO A 344 40.56 2.81 -11.21
C PRO A 344 40.32 4.30 -11.50
N LEU A 345 39.17 4.82 -11.07
CA LEU A 345 38.80 6.21 -11.31
C LEU A 345 39.53 7.17 -10.39
N LEU A 346 39.99 6.65 -9.26
CA LEU A 346 40.43 7.50 -8.16
C LEU A 346 41.69 8.23 -8.53
N GLY A 347 42.53 7.59 -9.33
CA GLY A 347 43.75 8.23 -9.82
C GLY A 347 43.43 9.51 -10.55
N GLU A 348 42.51 9.43 -11.51
CA GLU A 348 42.11 10.59 -12.33
C GLU A 348 41.29 11.59 -11.55
N LEU A 349 40.43 11.10 -10.65
CA LEU A 349 39.66 12.00 -9.77
C LEU A 349 40.62 12.88 -8.98
N THR A 350 41.59 12.23 -8.32
CA THR A 350 42.65 12.95 -7.63
C THR A 350 43.20 14.08 -8.50
N ALA A 351 43.61 13.75 -9.73
CA ALA A 351 44.29 14.72 -10.59
C ALA A 351 43.36 15.82 -11.08
N GLU A 352 42.12 15.48 -11.41
CA GLU A 352 41.15 16.48 -11.88
C GLU A 352 40.79 17.52 -10.82
N LEU A 353 40.93 17.16 -9.54
CA LEU A 353 40.50 18.03 -8.45
C LEU A 353 41.60 18.86 -7.80
N GLN A 354 42.77 18.88 -8.41
CA GLN A 354 43.89 19.61 -7.86
C GLN A 354 43.60 21.09 -7.93
N GLY A 355 43.75 21.78 -6.81
CA GLY A 355 43.40 23.19 -6.75
C GLY A 355 42.16 23.57 -5.96
N ILE A 356 41.21 22.64 -5.79
CA ILE A 356 39.97 22.98 -5.05
C ILE A 356 40.27 23.46 -3.64
N LYS A 357 39.67 24.59 -3.26
CA LYS A 357 39.99 25.23 -1.99
C LYS A 357 38.93 24.94 -0.94
N PRO A 358 39.15 23.90 -0.12
CA PRO A 358 38.17 23.59 0.93
C PRO A 358 38.14 24.78 1.90
N THR A 359 36.94 25.13 2.34
CA THR A 359 36.82 26.24 3.25
C THR A 359 36.13 25.81 4.53
N SER A 360 36.22 26.66 5.56
CA SER A 360 35.57 26.39 6.83
C SER A 360 34.05 26.51 6.67
N PRO A 361 33.31 25.45 7.08
CA PRO A 361 31.85 25.49 6.82
C PRO A 361 31.15 26.67 7.48
N THR A 362 30.18 27.25 6.78
CA THR A 362 29.37 28.33 7.34
C THR A 362 28.14 27.79 8.02
N CYS A 363 27.92 26.47 7.94
CA CYS A 363 26.79 25.88 8.65
C CYS A 363 27.15 24.47 9.10
N GLY A 364 26.30 23.83 9.88
CA GLY A 364 26.58 22.47 10.33
C GLY A 364 26.54 21.49 9.16
N ILE A 365 27.28 20.39 9.29
CA ILE A 365 27.30 19.30 8.31
C ILE A 365 27.24 17.95 8.99
N PHE A 366 26.20 17.18 8.65
CA PHE A 366 26.21 15.76 8.88
C PHE A 366 26.81 15.12 7.62
N SER A 367 28.04 14.63 7.79
CA SER A 367 28.81 14.08 6.67
C SER A 367 28.58 12.58 6.56
N THR A 368 27.83 12.19 5.53
CA THR A 368 27.55 10.78 5.32
C THR A 368 28.77 10.08 4.73
N VAL A 369 29.71 10.84 4.19
CA VAL A 369 30.97 10.29 3.79
C VAL A 369 31.67 9.82 5.07
N HIS A 370 31.95 10.77 5.98
CA HIS A 370 32.58 10.48 7.29
C HIS A 370 31.66 9.85 8.30
N GLU A 371 30.95 8.80 7.89
CA GLU A 371 30.24 7.91 8.81
C GLU A 371 29.09 8.58 9.54
N GLY A 372 28.65 9.73 9.05
CA GLY A 372 27.47 10.36 9.67
C GLY A 372 27.79 11.32 10.80
N ARG A 373 29.07 11.57 11.06
CA ARG A 373 29.48 12.48 12.12
C ARG A 373 29.22 13.96 11.76
N TYR A 374 29.09 14.79 12.79
CA TYR A 374 28.72 16.19 12.63
C TYR A 374 29.93 17.11 12.65
N ILE A 375 30.03 18.00 11.69
CA ILE A 375 31.05 19.03 11.71
C ILE A 375 30.38 20.39 11.96
N LYS A 376 30.97 21.16 12.89
CA LYS A 376 30.39 22.41 13.39
C LYS A 376 30.64 23.59 12.49
N PRO A 377 29.67 24.53 12.44
CA PRO A 377 29.91 25.85 11.86
C PRO A 377 31.21 26.35 12.43
N GLY A 378 32.08 26.86 11.58
CA GLY A 378 33.37 27.32 12.05
C GLY A 378 34.43 26.24 12.10
N GLY A 379 34.03 24.98 11.94
CA GLY A 379 34.96 23.84 12.07
C GLY A 379 36.06 23.78 11.04
N GLU A 380 36.84 22.71 11.10
CA GLU A 380 37.90 22.49 10.11
C GLU A 380 37.32 22.10 8.73
N PRO A 381 37.91 22.62 7.63
CA PRO A 381 37.46 22.23 6.30
C PRO A 381 37.55 20.71 6.14
N ILE A 382 36.51 20.11 5.56
CA ILE A 382 36.54 18.67 5.29
C ILE A 382 36.63 18.36 3.79
N HIS A 383 36.35 19.34 2.94
CA HIS A 383 36.06 19.05 1.52
C HIS A 383 37.24 19.01 0.61
N ASP A 384 38.28 18.29 1.01
CA ASP A 384 39.50 18.26 0.19
C ASP A 384 39.46 17.12 -0.85
N VAL A 385 40.48 17.04 -1.70
CA VAL A 385 40.50 16.01 -2.75
C VAL A 385 40.14 14.62 -2.20
N GLU A 386 40.70 14.24 -1.05
CA GLU A 386 40.50 12.89 -0.47
C GLU A 386 39.05 12.62 0.01
N TYR A 387 38.34 13.68 0.33
CA TYR A 387 36.95 13.56 0.72
C TYR A 387 36.12 13.05 -0.47
N TRP A 388 36.32 13.70 -1.62
CA TRP A 388 35.70 13.31 -2.88
C TRP A 388 36.04 11.89 -3.25
N LYS A 389 37.30 11.49 -3.08
CA LYS A 389 37.71 10.10 -3.35
C LYS A 389 37.06 9.11 -2.39
N LYS A 390 37.14 9.41 -1.09
CA LYS A 390 36.46 8.60 -0.08
C LYS A 390 34.98 8.46 -0.38
N GLY A 391 34.32 9.57 -0.71
CA GLY A 391 32.85 9.57 -0.94
C GLY A 391 32.44 8.71 -2.12
N LEU A 392 33.21 8.81 -3.20
CA LEU A 392 32.92 8.03 -4.40
C LEU A 392 33.10 6.52 -4.10
N ARG A 393 34.25 6.19 -3.49
CA ARG A 393 34.61 4.79 -3.21
C ARG A 393 33.77 4.09 -2.13
N HIS A 394 33.58 4.76 -0.99
CA HIS A 394 33.01 4.08 0.20
C HIS A 394 31.53 4.24 0.44
N SER A 395 31.00 3.47 1.38
CA SER A 395 29.58 3.50 1.74
C SER A 395 29.04 4.90 2.13
N VAL A 396 27.75 5.12 1.95
CA VAL A 396 27.13 6.41 2.28
C VAL A 396 26.29 6.19 3.55
N TYR A 397 26.74 6.73 4.68
CA TYR A 397 26.04 6.48 5.98
C TYR A 397 24.86 7.45 6.17
N PHE A 398 23.87 7.36 5.28
CA PHE A 398 22.77 8.32 5.24
C PHE A 398 21.90 8.22 6.49
N THR A 399 21.31 7.05 6.72
CA THR A 399 20.46 6.83 7.89
C THR A 399 21.18 7.24 9.20
N HIS A 400 22.48 6.95 9.30
CA HIS A 400 23.25 7.26 10.50
C HIS A 400 23.38 8.73 10.70
N GLY A 401 23.65 9.45 9.62
CA GLY A 401 23.63 10.90 9.63
C GLY A 401 22.29 11.47 10.03
N ILE A 402 21.20 10.88 9.54
CA ILE A 402 19.86 11.37 9.87
C ILE A 402 19.58 11.15 11.36
N ARG A 403 19.95 9.99 11.88
CA ARG A 403 19.74 9.63 13.28
C ARG A 403 20.55 10.57 14.20
N ASN A 404 21.73 10.95 13.73
CA ASN A 404 22.61 11.83 14.44
C ASN A 404 21.97 13.22 14.53
N ALA A 405 21.32 13.64 13.45
CA ALA A 405 20.59 14.92 13.38
C ALA A 405 19.42 14.96 14.35
N VAL A 406 18.64 13.88 14.34
CA VAL A 406 17.46 13.75 15.15
C VAL A 406 17.84 13.71 16.63
N ASP A 407 18.89 12.95 16.94
CA ASP A 407 19.36 12.79 18.30
C ASP A 407 19.86 14.14 18.88
N SER A 408 20.26 15.06 18.01
CA SER A 408 20.67 16.39 18.42
C SER A 408 19.58 17.51 18.30
N GLY A 409 18.32 17.12 18.26
CA GLY A 409 17.22 18.10 18.28
C GLY A 409 16.64 18.58 16.95
N HIS A 410 17.26 18.20 15.83
CA HIS A 410 16.74 18.61 14.50
C HIS A 410 15.47 17.90 14.19
N THR A 411 14.47 18.63 13.71
CA THR A 411 13.18 17.99 13.38
C THR A 411 12.68 18.39 11.98
N THR A 412 13.27 19.43 11.41
CA THR A 412 12.88 19.88 10.08
C THR A 412 13.89 19.32 9.09
N PHE A 413 13.39 18.56 8.12
CA PHE A 413 14.24 18.08 7.02
C PHE A 413 13.59 18.48 5.72
N LEU A 414 14.32 19.30 4.97
CA LEU A 414 13.85 19.84 3.70
C LEU A 414 14.71 19.27 2.57
N GLU A 415 14.08 18.60 1.61
CA GLU A 415 14.87 18.02 0.53
C GLU A 415 14.85 18.86 -0.74
N LEU A 416 16.03 19.22 -1.20
CA LEU A 416 16.19 19.89 -2.49
C LEU A 416 16.43 18.81 -3.54
N ALA A 417 15.44 18.58 -4.39
CA ALA A 417 15.46 17.45 -5.32
C ALA A 417 14.36 17.60 -6.39
N PRO A 418 14.56 17.01 -7.60
CA PRO A 418 13.52 16.99 -8.63
C PRO A 418 12.37 16.10 -8.24
N ASN A 419 12.58 15.26 -7.23
CA ASN A 419 11.60 14.28 -6.75
C ASN A 419 12.02 13.85 -5.32
N PRO A 420 11.08 13.84 -4.35
CA PRO A 420 11.54 13.76 -2.96
C PRO A 420 11.78 12.34 -2.45
N VAL A 421 12.57 11.54 -3.18
CA VAL A 421 12.78 10.13 -2.82
C VAL A 421 13.57 9.91 -1.51
N ALA A 422 14.59 10.74 -1.25
CA ALA A 422 15.34 10.63 0.01
C ALA A 422 14.48 10.94 1.24
N LEU A 423 13.67 12.00 1.16
CA LEU A 423 12.79 12.35 2.28
C LEU A 423 12.04 11.16 2.80
N MET A 424 11.61 10.28 1.90
CA MET A 424 10.90 9.06 2.32
C MET A 424 11.81 8.15 3.14
N GLN A 425 13.09 8.13 2.78
CA GLN A 425 14.06 7.39 3.60
C GLN A 425 14.19 8.11 4.92
N VAL A 426 14.37 9.43 4.89
CA VAL A 426 14.48 10.22 6.11
C VAL A 426 13.37 9.85 7.11
N ALA A 427 12.15 9.82 6.60
CA ALA A 427 10.98 9.47 7.38
C ALA A 427 11.11 8.16 8.14
N LEU A 428 11.76 7.18 7.52
CA LEU A 428 11.87 5.86 8.14
C LEU A 428 12.83 5.91 9.32
N THR A 429 13.87 6.72 9.17
CA THR A 429 14.82 6.95 10.25
C THR A 429 14.20 7.75 11.44
N THR A 430 13.58 8.89 11.16
CA THR A 430 12.89 9.69 12.19
C THR A 430 11.92 8.83 12.99
N ALA A 431 11.01 8.13 12.30
CA ALA A 431 10.12 7.22 13.01
C ALA A 431 10.90 6.21 13.85
N ASP A 432 11.94 5.60 13.27
CA ASP A 432 12.66 4.54 14.01
C ASP A 432 13.24 5.16 15.26
N ALA A 433 13.65 6.42 15.13
CA ALA A 433 14.24 7.18 16.24
C ALA A 433 13.17 7.73 17.19
N GLY A 434 11.90 7.40 16.95
CA GLY A 434 10.83 7.91 17.82
C GLY A 434 10.25 9.29 17.52
N LEU A 435 10.85 10.01 16.57
CA LEU A 435 10.35 11.29 16.10
C LEU A 435 9.22 11.03 15.11
N HIS A 436 8.00 10.94 15.64
CA HIS A 436 6.82 10.66 14.85
C HIS A 436 6.14 11.88 14.30
N ASP A 437 6.68 13.07 14.53
CA ASP A 437 6.06 14.25 13.93
C ASP A 437 7.07 15.23 13.33
N ALA A 438 8.09 14.71 12.67
CA ALA A 438 9.08 15.57 12.02
C ALA A 438 8.47 16.46 10.91
N GLN A 439 9.12 17.58 10.63
CA GLN A 439 8.74 18.42 9.50
C GLN A 439 9.51 17.97 8.26
N LEU A 440 8.81 17.26 7.38
CA LEU A 440 9.44 16.67 6.18
C LEU A 440 8.98 17.44 4.96
N ILE A 441 9.83 18.34 4.48
CA ILE A 441 9.45 19.33 3.46
C ILE A 441 10.09 19.00 2.12
N PRO A 442 9.30 18.58 1.12
CA PRO A 442 9.87 18.37 -0.23
C PRO A 442 10.03 19.68 -0.98
N THR A 443 10.66 19.62 -2.16
CA THR A 443 10.64 20.69 -3.14
C THR A 443 9.93 20.13 -4.38
N LEU A 444 10.65 20.03 -5.51
CA LEU A 444 10.03 19.60 -6.76
C LEU A 444 9.62 18.13 -6.69
N ALA A 445 8.59 17.76 -7.42
CA ALA A 445 8.27 16.37 -7.64
C ALA A 445 7.76 16.22 -9.06
N ARG A 446 7.98 15.05 -9.67
CA ARG A 446 7.43 14.81 -11.02
C ARG A 446 5.91 14.74 -10.93
N LYS A 447 5.21 15.21 -11.96
CA LYS A 447 3.74 15.24 -11.95
C LYS A 447 3.14 16.18 -10.89
N GLN A 448 3.95 17.12 -10.38
CA GLN A 448 3.42 18.25 -9.59
C GLN A 448 3.91 19.57 -10.17
N ASP A 449 3.02 20.55 -10.21
CA ASP A 449 3.40 21.86 -10.74
C ASP A 449 4.55 22.38 -9.91
N GLU A 450 5.64 22.74 -10.58
CA GLU A 450 6.86 23.11 -9.90
C GLU A 450 6.77 24.45 -9.19
N VAL A 451 6.06 25.41 -9.78
CA VAL A 451 5.85 26.74 -9.11
C VAL A 451 5.03 26.55 -7.84
N SER A 452 3.92 25.83 -7.93
CA SER A 452 3.15 25.45 -6.77
C SER A 452 3.98 24.78 -5.68
N SER A 453 4.89 23.90 -6.09
CA SER A 453 5.61 23.08 -5.13
C SER A 453 6.45 23.95 -4.22
N MET A 454 7.13 24.92 -4.82
CA MET A 454 7.98 25.88 -4.11
C MET A 454 7.23 26.84 -3.19
N VAL A 455 6.01 27.22 -3.58
CA VAL A 455 5.15 28.06 -2.77
C VAL A 455 4.85 27.24 -1.53
N SER A 456 4.35 26.04 -1.76
CA SER A 456 4.07 25.13 -0.71
C SER A 456 5.30 24.98 0.23
N THR A 457 6.49 24.87 -0.35
CA THR A 457 7.70 24.62 0.43
C THR A 457 8.02 25.83 1.32
N MET A 458 7.83 27.01 0.77
CA MET A 458 8.14 28.20 1.51
C MET A 458 7.06 28.52 2.56
N ALA A 459 5.81 28.22 2.24
CA ALA A 459 4.74 28.29 3.21
C ALA A 459 4.99 27.38 4.42
N GLN A 460 5.58 26.20 4.19
CA GLN A 460 5.80 25.26 5.29
C GLN A 460 6.87 25.82 6.18
N LEU A 461 7.89 26.39 5.55
CA LEU A 461 9.00 26.94 6.26
C LEU A 461 8.54 28.15 7.12
N TYR A 462 7.58 28.92 6.60
CA TYR A 462 7.03 30.03 7.34
C TYR A 462 6.31 29.49 8.59
N VAL A 463 5.33 28.59 8.38
CA VAL A 463 4.53 28.07 9.46
C VAL A 463 5.36 27.60 10.67
N TYR A 464 6.42 26.86 10.40
CA TYR A 464 7.23 26.28 11.48
C TYR A 464 8.18 27.31 12.07
N GLY A 465 8.15 28.52 11.55
CA GLY A 465 8.89 29.60 12.18
C GLY A 465 10.35 29.69 11.80
N HIS A 466 10.78 28.98 10.74
CA HIS A 466 12.17 29.08 10.31
C HIS A 466 12.23 30.29 9.47
N ASP A 467 13.46 30.79 9.24
CA ASP A 467 13.70 31.94 8.42
C ASP A 467 12.98 31.87 7.07
N LEU A 468 12.27 32.94 6.72
CA LEU A 468 11.54 33.01 5.47
C LEU A 468 10.71 34.27 5.40
N ASP A 469 11.17 35.25 4.65
CA ASP A 469 10.41 36.47 4.45
C ASP A 469 9.21 36.27 3.53
N ILE A 470 8.08 35.91 4.11
CA ILE A 470 6.85 35.66 3.34
C ILE A 470 6.37 36.83 2.44
N ARG A 471 6.78 38.07 2.75
CA ARG A 471 6.44 39.19 1.87
C ARG A 471 6.96 38.94 0.45
N THR A 472 8.18 38.40 0.36
CA THR A 472 8.80 38.08 -0.93
C THR A 472 8.02 37.05 -1.78
N LEU A 473 7.05 36.35 -1.22
CA LEU A 473 6.18 35.51 -2.03
C LEU A 473 5.17 36.33 -2.84
N PHE A 474 5.32 37.66 -2.83
CA PHE A 474 4.41 38.53 -3.62
C PHE A 474 5.22 39.60 -4.30
N SER A 475 4.88 39.90 -5.55
CA SER A 475 5.51 41.03 -6.27
C SER A 475 5.13 42.30 -5.57
N ARG A 476 6.04 43.29 -5.53
CA ARG A 476 5.75 44.61 -5.00
C ARG A 476 4.43 45.16 -5.61
N ALA A 477 3.54 45.69 -4.79
CA ALA A 477 2.25 46.21 -5.29
C ALA A 477 2.42 47.36 -6.28
N SER A 478 1.64 47.35 -7.36
CA SER A 478 1.67 48.47 -8.30
C SER A 478 0.59 49.52 -7.99
N GLY A 479 -0.44 49.14 -7.26
CA GLY A 479 -1.49 50.07 -6.88
C GLY A 479 -2.31 49.53 -5.73
N PRO A 480 -3.32 50.30 -5.30
CA PRO A 480 -4.16 49.92 -4.17
C PRO A 480 -4.91 48.62 -4.42
N GLN A 481 -5.11 48.27 -5.68
CA GLN A 481 -5.90 47.07 -6.00
C GLN A 481 -5.16 45.81 -5.67
N ASP A 482 -3.84 45.93 -5.47
CA ASP A 482 -2.99 44.80 -5.08
C ASP A 482 -3.04 44.50 -3.61
N TYR A 483 -3.86 45.23 -2.85
CA TYR A 483 -4.08 44.95 -1.44
C TYR A 483 -5.55 44.62 -1.22
N ALA A 484 -5.87 44.03 -0.08
CA ALA A 484 -7.27 43.68 0.23
C ALA A 484 -7.72 44.24 1.57
N ASN A 485 -9.01 44.58 1.68
CA ASN A 485 -9.59 45.13 2.92
C ASN A 485 -9.92 44.05 3.95
N ILE A 486 -8.96 43.17 4.20
CA ILE A 486 -9.16 42.09 5.15
C ILE A 486 -9.43 42.69 6.53
N PRO A 487 -10.21 41.98 7.39
CA PRO A 487 -10.55 42.51 8.72
C PRO A 487 -9.32 42.81 9.57
N PRO A 488 -9.43 43.76 10.52
CA PRO A 488 -8.29 44.05 11.39
C PRO A 488 -8.20 43.03 12.53
N LEU B 26 -7.93 -8.90 28.71
CA LEU B 26 -9.26 -9.08 28.06
C LEU B 26 -9.95 -10.35 28.57
N PRO B 27 -11.29 -10.42 28.41
CA PRO B 27 -12.04 -11.63 28.77
C PRO B 27 -11.47 -12.90 28.16
N GLY B 28 -11.38 -13.96 28.96
CA GLY B 28 -10.96 -15.27 28.48
C GLY B 28 -12.18 -16.09 28.14
N VAL B 29 -11.95 -17.33 27.74
CA VAL B 29 -13.01 -18.28 27.42
C VAL B 29 -13.99 -18.40 28.61
N THR B 30 -15.30 -18.46 28.35
CA THR B 30 -16.21 -18.65 29.46
C THR B 30 -16.29 -20.09 29.89
N GLU B 31 -16.94 -20.24 31.03
CA GLU B 31 -17.02 -21.42 31.82
C GLU B 31 -18.08 -22.31 31.21
N GLU B 32 -19.15 -21.68 30.76
CA GLU B 32 -20.17 -22.42 30.02
C GLU B 32 -19.56 -22.86 28.68
N ALA B 33 -18.78 -21.96 28.06
CA ALA B 33 -18.00 -22.30 26.87
C ALA B 33 -17.13 -23.54 27.13
N LEU B 34 -16.27 -23.45 28.16
CA LEU B 34 -15.37 -24.57 28.52
C LEU B 34 -16.12 -25.85 28.79
N ARG B 35 -17.30 -25.73 29.39
CA ARG B 35 -18.12 -26.88 29.70
C ARG B 35 -18.68 -27.46 28.42
N LEU B 36 -19.13 -26.61 27.51
CA LEU B 36 -19.66 -27.09 26.21
C LEU B 36 -18.58 -27.75 25.37
N LYS B 37 -17.39 -27.13 25.38
CA LYS B 37 -16.19 -27.68 24.74
C LYS B 37 -15.89 -29.12 25.16
N GLU B 38 -15.83 -29.37 26.47
CA GLU B 38 -15.54 -30.70 27.00
C GLU B 38 -16.63 -31.64 26.57
N ALA B 39 -17.88 -31.21 26.78
CA ALA B 39 -19.02 -31.98 26.32
C ALA B 39 -18.84 -32.33 24.84
N ALA B 40 -18.54 -31.32 24.03
CA ALA B 40 -18.34 -31.52 22.58
C ALA B 40 -17.24 -32.53 22.28
N LEU B 41 -16.11 -32.41 22.97
CA LEU B 41 -14.96 -33.28 22.69
C LEU B 41 -15.27 -34.74 22.99
N GLU B 42 -15.96 -34.98 24.10
CA GLU B 42 -16.39 -36.32 24.45
C GLU B 42 -17.29 -36.95 23.36
N GLU B 43 -18.15 -36.14 22.76
CA GLU B 43 -19.05 -36.67 21.71
C GLU B 43 -18.25 -36.97 20.43
N LEU B 44 -17.31 -36.07 20.13
CA LEU B 44 -16.41 -36.24 18.99
C LEU B 44 -15.70 -37.60 19.08
N ALA B 45 -15.08 -37.85 20.24
CA ALA B 45 -14.30 -39.05 20.52
C ALA B 45 -15.12 -40.35 20.55
N ALA B 46 -16.42 -40.26 20.37
CA ALA B 46 -17.28 -41.44 20.38
C ALA B 46 -17.68 -41.91 18.96
N GLN B 47 -17.45 -41.05 17.96
CA GLN B 47 -17.76 -41.40 16.58
C GLN B 47 -16.70 -42.27 15.94
N GLU B 48 -17.10 -43.10 14.97
CA GLU B 48 -16.14 -43.90 14.20
C GLU B 48 -15.19 -42.95 13.46
N VAL B 49 -13.89 -43.13 13.63
CA VAL B 49 -12.91 -42.21 13.04
C VAL B 49 -12.90 -42.36 11.51
N THR B 50 -12.85 -41.22 10.83
CA THR B 50 -12.89 -41.18 9.38
C THR B 50 -11.47 -41.01 8.84
N ALA B 51 -11.21 -41.54 7.65
CA ALA B 51 -9.89 -41.41 7.01
C ALA B 51 -9.61 -39.97 6.58
N PRO B 52 -8.52 -39.37 7.10
CA PRO B 52 -8.05 -38.04 6.75
C PRO B 52 -7.93 -37.88 5.22
N LEU B 53 -8.09 -36.67 4.70
CA LEU B 53 -8.01 -36.48 3.24
C LEU B 53 -6.59 -36.02 2.99
N VAL B 54 -5.78 -36.80 2.29
CA VAL B 54 -4.36 -36.43 2.12
C VAL B 54 -4.12 -35.77 0.76
N PRO B 55 -3.50 -34.59 0.77
CA PRO B 55 -3.13 -33.91 -0.48
C PRO B 55 -1.80 -34.44 -1.03
N LEU B 56 -1.80 -34.95 -2.25
CA LEU B 56 -0.56 -35.43 -2.88
C LEU B 56 -0.11 -34.51 -4.00
N ALA B 57 0.92 -33.72 -3.73
CA ALA B 57 1.48 -32.73 -4.69
C ALA B 57 2.44 -33.35 -5.73
N VAL B 58 2.23 -33.02 -7.01
CA VAL B 58 3.13 -33.46 -8.09
C VAL B 58 3.43 -32.25 -8.95
N SER B 59 4.70 -31.95 -9.18
CA SER B 59 4.99 -30.80 -10.00
C SER B 59 6.20 -31.04 -10.90
N ALA B 60 6.42 -30.12 -11.84
CA ALA B 60 7.62 -30.19 -12.73
C ALA B 60 7.65 -28.89 -13.50
N PHE B 61 8.75 -28.63 -14.20
CA PHE B 61 8.77 -27.44 -15.03
C PHE B 61 7.70 -27.43 -16.13
N LEU B 62 7.28 -28.60 -16.58
CA LEU B 62 6.39 -28.72 -17.75
C LEU B 62 5.31 -29.73 -17.48
N THR B 63 4.05 -29.42 -17.86
CA THR B 63 2.96 -30.43 -17.81
C THR B 63 3.40 -31.81 -18.27
N SER B 64 4.05 -31.88 -19.43
CA SER B 64 4.52 -33.20 -19.94
C SER B 64 5.35 -33.97 -18.90
N ARG B 65 6.24 -33.30 -18.17
CA ARG B 65 7.01 -34.00 -17.12
C ARG B 65 6.18 -34.33 -15.88
N LYS B 66 5.30 -33.42 -15.50
CA LYS B 66 4.45 -33.63 -14.32
C LYS B 66 3.65 -34.89 -14.57
N LYS B 67 3.09 -34.99 -15.78
CA LYS B 67 2.29 -36.17 -16.15
C LYS B 67 3.06 -37.47 -16.04
N ALA B 68 4.29 -37.45 -16.51
CA ALA B 68 5.11 -38.64 -16.47
C ALA B 68 5.44 -38.94 -15.02
N ALA B 69 5.75 -37.90 -14.26
CA ALA B 69 6.01 -38.04 -12.83
C ALA B 69 4.77 -38.63 -12.11
N ALA B 70 3.59 -38.15 -12.46
CA ALA B 70 2.38 -38.68 -11.83
C ALA B 70 2.19 -40.16 -12.12
N ALA B 71 2.48 -40.58 -13.36
CA ALA B 71 2.28 -42.01 -13.73
C ALA B 71 3.24 -42.94 -13.00
N GLU B 72 4.45 -42.45 -12.77
CA GLU B 72 5.48 -43.25 -12.12
C GLU B 72 5.23 -43.32 -10.63
N LEU B 73 4.77 -42.23 -10.05
CA LEU B 73 4.37 -42.26 -8.64
C LEU B 73 3.23 -43.27 -8.41
N ALA B 74 2.28 -43.31 -9.34
CA ALA B 74 1.19 -44.29 -9.25
C ALA B 74 1.68 -45.73 -9.39
N ASP B 75 2.63 -45.99 -10.29
CA ASP B 75 3.19 -47.35 -10.41
C ASP B 75 3.87 -47.74 -9.11
N TRP B 76 4.66 -46.83 -8.58
CA TRP B 76 5.33 -47.08 -7.31
C TRP B 76 4.33 -47.37 -6.21
N MET B 77 3.25 -46.59 -6.16
CA MET B 77 2.18 -46.82 -5.17
C MET B 77 1.58 -48.23 -5.26
N GLN B 78 1.54 -48.80 -6.47
CA GLN B 78 0.91 -50.11 -6.71
C GLN B 78 1.83 -51.27 -6.35
N SER B 79 3.12 -50.93 -6.25
CA SER B 79 4.18 -51.87 -5.99
C SER B 79 4.26 -52.19 -4.49
N PRO B 80 4.96 -53.27 -4.12
CA PRO B 80 5.11 -53.67 -2.71
C PRO B 80 5.47 -52.57 -1.71
N GLU B 81 6.50 -51.80 -1.97
CA GLU B 81 6.90 -50.74 -1.03
C GLU B 81 5.97 -49.48 -1.05
N GLY B 82 5.27 -49.23 -2.15
CA GLY B 82 4.22 -48.22 -2.16
C GLY B 82 3.03 -48.67 -1.33
N GLN B 83 2.58 -49.88 -1.56
CA GLN B 83 1.56 -50.48 -0.69
C GLN B 83 1.96 -50.50 0.78
N ALA B 84 3.24 -50.62 1.08
CA ALA B 84 3.64 -50.67 2.48
C ALA B 84 3.87 -49.29 3.11
N SER B 85 3.71 -48.21 2.34
CA SER B 85 3.97 -46.86 2.87
C SER B 85 2.66 -46.22 3.26
N SER B 86 2.63 -45.48 4.37
CA SER B 86 1.39 -44.75 4.76
C SER B 86 1.20 -43.56 3.84
N LEU B 87 -0.07 -43.31 3.49
CA LEU B 87 -0.45 -42.26 2.57
C LEU B 87 0.03 -40.90 3.06
N GLU B 88 -0.07 -40.69 4.36
CA GLU B 88 0.45 -39.47 4.95
C GLU B 88 1.97 -39.29 4.72
N SER B 89 2.76 -40.38 4.87
CA SER B 89 4.23 -40.27 4.63
C SER B 89 4.54 -39.99 3.14
N ILE B 90 3.75 -40.57 2.25
CA ILE B 90 3.84 -40.26 0.83
C ILE B 90 3.64 -38.76 0.61
N GLY B 91 2.61 -38.22 1.27
CA GLY B 91 2.24 -36.82 1.11
C GLY B 91 3.31 -35.93 1.66
N ARG B 92 3.84 -36.27 2.83
CA ARG B 92 4.93 -35.45 3.39
C ARG B 92 6.16 -35.49 2.47
N SER B 93 6.51 -36.66 1.95
CA SER B 93 7.68 -36.77 1.05
C SER B 93 7.52 -35.86 -0.17
N LEU B 94 6.39 -35.97 -0.85
CA LEU B 94 6.04 -35.09 -1.95
C LEU B 94 6.09 -33.62 -1.62
N SER B 95 5.73 -33.28 -0.38
CA SER B 95 5.61 -31.86 -0.01
C SER B 95 6.99 -31.28 0.07
N ARG B 96 7.98 -32.14 0.28
CA ARG B 96 9.38 -31.67 0.38
C ARG B 96 10.12 -31.45 -0.97
N ARG B 97 9.52 -31.87 -2.08
CA ARG B 97 10.16 -31.68 -3.39
C ARG B 97 10.13 -30.19 -3.78
N ASN B 98 10.96 -29.79 -4.75
CA ASN B 98 10.88 -28.41 -5.23
C ASN B 98 9.58 -28.33 -6.03
N HIS B 99 8.91 -27.19 -5.94
CA HIS B 99 7.56 -27.08 -6.51
C HIS B 99 7.58 -26.24 -7.73
N GLY B 100 7.46 -26.91 -8.87
CA GLY B 100 7.72 -26.27 -10.17
C GLY B 100 6.48 -25.56 -10.63
N ARG B 101 6.58 -24.90 -11.78
CA ARG B 101 5.50 -24.12 -12.30
C ARG B 101 4.24 -24.91 -12.70
N SER B 102 4.35 -26.17 -13.09
CA SER B 102 3.18 -26.92 -13.50
C SER B 102 2.87 -27.83 -12.33
N ARG B 103 1.66 -27.76 -11.77
CA ARG B 103 1.33 -28.46 -10.51
C ARG B 103 0.04 -29.21 -10.62
N ALA B 104 -0.07 -30.25 -9.80
CA ALA B 104 -1.32 -30.95 -9.58
C ALA B 104 -1.32 -31.44 -8.12
N VAL B 105 -2.53 -31.61 -7.56
CA VAL B 105 -2.71 -32.27 -6.26
C VAL B 105 -3.73 -33.35 -6.50
N VAL B 106 -3.48 -34.54 -5.95
CA VAL B 106 -4.52 -35.52 -5.86
C VAL B 106 -4.98 -35.53 -4.38
N LEU B 107 -6.29 -35.41 -4.19
CA LEU B 107 -6.90 -35.50 -2.85
C LEU B 107 -7.37 -36.92 -2.55
N ALA B 108 -6.80 -37.53 -1.52
CA ALA B 108 -7.11 -38.97 -1.30
C ALA B 108 -7.18 -39.44 0.15
N HIS B 109 -8.06 -40.42 0.33
CA HIS B 109 -8.33 -41.05 1.61
C HIS B 109 -7.56 -42.33 1.77
N ASP B 110 -7.35 -43.04 0.66
CA ASP B 110 -6.57 -44.30 0.66
C ASP B 110 -5.73 -44.46 -0.62
N HIS B 111 -5.02 -45.58 -0.76
CA HIS B 111 -4.15 -45.81 -1.93
C HIS B 111 -4.88 -45.92 -3.24
N ASP B 112 -5.98 -46.66 -3.28
CA ASP B 112 -6.82 -46.71 -4.50
C ASP B 112 -7.20 -45.32 -5.02
N GLU B 113 -7.76 -44.48 -4.16
CA GLU B 113 -8.13 -43.13 -4.59
C GLU B 113 -6.88 -42.36 -5.05
N ALA B 114 -5.76 -42.56 -4.35
CA ALA B 114 -4.52 -41.90 -4.73
C ALA B 114 -4.11 -42.27 -6.16
N ILE B 115 -4.05 -43.58 -6.39
CA ILE B 115 -3.63 -44.16 -7.65
C ILE B 115 -4.52 -43.66 -8.77
N LYS B 116 -5.83 -43.77 -8.56
CA LYS B 116 -6.80 -43.34 -9.59
C LYS B 116 -6.65 -41.86 -9.92
N GLY B 117 -6.48 -41.02 -8.91
CA GLY B 117 -6.24 -39.61 -9.15
C GLY B 117 -4.98 -39.37 -9.98
N LEU B 118 -3.95 -40.16 -9.69
CA LEU B 118 -2.65 -39.95 -10.33
C LEU B 118 -2.69 -40.40 -11.80
N ARG B 119 -3.43 -41.47 -12.05
CA ARG B 119 -3.75 -41.90 -13.42
C ARG B 119 -4.47 -40.81 -14.19
N ALA B 120 -5.41 -40.14 -13.52
CA ALA B 120 -6.15 -39.06 -14.13
C ALA B 120 -5.21 -37.92 -14.47
N VAL B 121 -4.33 -37.58 -13.55
CA VAL B 121 -3.28 -36.58 -13.82
C VAL B 121 -2.38 -37.00 -15.00
N ALA B 122 -1.87 -38.25 -14.99
CA ALA B 122 -1.00 -38.74 -16.07
C ALA B 122 -1.69 -38.67 -17.43
N ALA B 123 -2.96 -39.11 -17.46
CA ALA B 123 -3.81 -39.13 -18.64
C ALA B 123 -4.37 -37.77 -19.02
N GLY B 124 -4.02 -36.71 -18.29
CA GLY B 124 -4.61 -35.38 -18.53
C GLY B 124 -6.14 -35.33 -18.50
N LYS B 125 -6.77 -36.21 -17.72
CA LYS B 125 -8.22 -36.23 -17.59
C LYS B 125 -8.64 -35.57 -16.28
N GLN B 126 -9.84 -35.00 -16.31
CA GLN B 126 -10.45 -34.34 -15.18
C GLN B 126 -11.03 -35.32 -14.20
N ALA B 127 -10.95 -35.00 -12.92
CA ALA B 127 -11.60 -35.79 -11.84
C ALA B 127 -11.89 -34.92 -10.61
N PRO B 128 -12.98 -35.24 -9.86
CA PRO B 128 -13.38 -34.40 -8.71
C PRO B 128 -12.29 -34.21 -7.65
N ASN B 129 -11.50 -35.24 -7.37
CA ASN B 129 -10.45 -35.11 -6.36
C ASN B 129 -9.09 -34.72 -6.97
N VAL B 130 -9.10 -34.23 -8.22
CA VAL B 130 -7.85 -33.84 -8.89
C VAL B 130 -7.87 -32.36 -9.24
N PHE B 131 -6.81 -31.63 -8.88
CA PHE B 131 -6.61 -30.26 -9.32
C PHE B 131 -5.23 -30.16 -10.02
N SER B 132 -5.16 -29.44 -11.13
CA SER B 132 -3.99 -29.50 -12.01
C SER B 132 -4.03 -28.41 -13.08
N VAL B 133 -2.95 -27.63 -13.19
CA VAL B 133 -2.86 -26.54 -14.14
C VAL B 133 -1.47 -26.60 -14.81
N ASP B 134 -1.32 -25.99 -16.00
CA ASP B 134 -0.10 -26.12 -16.74
C ASP B 134 0.95 -25.16 -16.23
N GLY B 135 0.51 -24.04 -15.66
CA GLY B 135 1.44 -23.05 -15.12
C GLY B 135 0.70 -22.12 -14.19
N PRO B 136 1.44 -21.28 -13.45
CA PRO B 136 0.86 -20.48 -12.36
C PRO B 136 -0.14 -19.44 -12.86
N VAL B 137 -1.22 -19.24 -12.11
CA VAL B 137 -2.15 -18.12 -12.38
C VAL B 137 -1.40 -16.82 -12.00
N THR B 138 -1.41 -15.84 -12.89
CA THR B 138 -0.53 -14.65 -12.77
C THR B 138 -1.02 -13.49 -11.87
N THR B 139 -2.32 -13.46 -11.60
CA THR B 139 -2.86 -12.50 -10.61
C THR B 139 -3.28 -13.23 -9.31
N GLY B 140 -3.04 -12.60 -8.16
CA GLY B 140 -3.36 -13.18 -6.84
C GLY B 140 -4.86 -13.33 -6.55
N PRO B 141 -5.22 -14.09 -5.51
CA PRO B 141 -6.62 -14.34 -5.24
C PRO B 141 -7.37 -13.13 -4.71
N VAL B 142 -8.65 -13.10 -5.06
CA VAL B 142 -9.58 -12.16 -4.43
C VAL B 142 -10.25 -12.93 -3.30
N TRP B 143 -10.10 -12.44 -2.08
CA TRP B 143 -10.87 -13.02 -0.95
C TRP B 143 -12.28 -12.46 -0.91
N VAL B 144 -13.26 -13.36 -0.98
CA VAL B 144 -14.67 -13.02 -0.88
C VAL B 144 -15.19 -13.16 0.57
N LEU B 145 -15.57 -12.00 1.14
CA LEU B 145 -16.20 -11.93 2.48
C LEU B 145 -17.70 -11.60 2.36
N ALA B 146 -18.53 -12.62 2.45
CA ALA B 146 -19.97 -12.38 2.32
C ALA B 146 -20.68 -12.71 3.64
N GLY B 147 -21.67 -13.59 3.60
CA GLY B 147 -22.35 -14.00 4.82
C GLY B 147 -23.84 -14.21 4.65
N PHE B 148 -24.48 -13.29 3.96
CA PHE B 148 -25.93 -13.38 3.82
C PHE B 148 -26.38 -14.76 3.33
N GLY B 149 -27.31 -15.38 4.05
CA GLY B 149 -27.83 -16.72 3.68
C GLY B 149 -26.87 -17.88 3.95
N ALA B 150 -25.74 -17.63 4.60
CA ALA B 150 -24.73 -18.66 4.76
C ALA B 150 -24.70 -19.37 6.13
N GLN B 151 -25.44 -18.84 7.10
CA GLN B 151 -25.64 -19.47 8.43
C GLN B 151 -26.16 -20.89 8.34
N HIS B 152 -25.81 -21.69 9.34
CA HIS B 152 -26.40 -22.99 9.61
C HIS B 152 -26.02 -23.35 11.01
N ARG B 153 -26.73 -24.31 11.61
CA ARG B 153 -26.65 -24.45 13.09
C ARG B 153 -25.27 -24.80 13.64
N LYS B 154 -24.65 -25.83 13.08
CA LYS B 154 -23.36 -26.33 13.62
C LYS B 154 -22.11 -25.57 13.09
N MET B 155 -22.34 -24.59 12.21
CA MET B 155 -21.31 -23.85 11.49
C MET B 155 -20.07 -23.51 12.32
N GLY B 156 -18.89 -23.98 11.88
CA GLY B 156 -17.60 -23.62 12.51
C GLY B 156 -17.18 -24.48 13.70
N LYS B 157 -18.05 -25.43 14.07
CA LYS B 157 -17.90 -26.18 15.32
C LYS B 157 -16.85 -27.28 15.23
N SER B 158 -17.00 -28.13 14.22
CA SER B 158 -16.04 -29.18 13.92
C SER B 158 -14.62 -28.62 13.85
N LEU B 159 -14.44 -27.59 13.04
CA LEU B 159 -13.13 -27.01 12.82
C LEU B 159 -12.56 -26.38 14.08
N TYR B 160 -13.42 -25.77 14.91
CA TYR B 160 -12.98 -25.21 16.21
C TYR B 160 -12.36 -26.30 17.08
N LEU B 161 -13.02 -27.45 17.10
CA LEU B 161 -12.57 -28.57 17.89
C LEU B 161 -11.26 -29.10 17.30
N ARG B 162 -11.29 -29.43 16.01
CA ARG B 162 -10.17 -30.10 15.35
C ARG B 162 -8.96 -29.24 14.91
N ASN B 163 -9.05 -27.92 14.93
CA ASN B 163 -7.93 -27.14 14.40
C ASN B 163 -7.56 -26.04 15.32
N GLU B 164 -6.34 -26.13 15.82
CA GLU B 164 -5.89 -25.29 16.91
C GLU B 164 -5.66 -23.86 16.47
N VAL B 165 -5.29 -23.64 15.19
CA VAL B 165 -5.02 -22.26 14.76
C VAL B 165 -6.39 -21.56 14.65
N PHE B 166 -7.35 -22.31 14.10
CA PHE B 166 -8.71 -21.83 13.90
C PHE B 166 -9.26 -21.41 15.27
N ALA B 167 -9.33 -22.39 16.18
CA ALA B 167 -9.73 -22.18 17.57
C ALA B 167 -9.09 -20.92 18.13
N ALA B 168 -7.77 -20.85 18.08
CA ALA B 168 -7.13 -19.69 18.65
C ALA B 168 -7.79 -18.42 18.17
N TRP B 169 -8.07 -18.29 16.87
CA TRP B 169 -8.63 -17.03 16.34
C TRP B 169 -10.05 -16.81 16.70
N ILE B 170 -10.83 -17.87 16.78
CA ILE B 170 -12.17 -17.75 17.30
C ILE B 170 -12.16 -17.18 18.73
N GLU B 171 -11.41 -17.82 19.62
CA GLU B 171 -11.24 -17.33 20.98
C GLU B 171 -10.88 -15.86 21.00
N LYS B 172 -10.02 -15.43 20.07
CA LYS B 172 -9.59 -14.02 20.06
C LYS B 172 -10.75 -13.07 19.77
N VAL B 173 -11.64 -13.48 18.87
CA VAL B 173 -12.77 -12.69 18.43
C VAL B 173 -13.85 -12.77 19.53
N ASP B 174 -14.15 -13.99 19.96
CA ASP B 174 -15.02 -14.27 21.12
C ASP B 174 -14.71 -13.35 22.30
N ALA B 175 -13.43 -13.19 22.59
CA ALA B 175 -13.03 -12.30 23.65
C ALA B 175 -13.37 -10.85 23.30
N LEU B 176 -13.12 -10.46 22.04
CA LEU B 176 -13.40 -9.06 21.65
C LEU B 176 -14.91 -8.75 21.66
N VAL B 177 -15.71 -9.76 21.28
CA VAL B 177 -17.14 -9.65 21.27
C VAL B 177 -17.68 -9.62 22.70
N GLN B 178 -17.13 -10.48 23.56
CA GLN B 178 -17.49 -10.50 24.97
C GLN B 178 -17.30 -9.08 25.47
N ASP B 179 -16.13 -8.52 25.21
CA ASP B 179 -15.86 -7.15 25.59
C ASP B 179 -16.83 -6.11 25.02
N GLU B 180 -17.34 -6.33 23.80
CA GLU B 180 -18.19 -5.33 23.14
C GLU B 180 -19.68 -5.53 23.40
N LEU B 181 -20.12 -6.78 23.39
CA LEU B 181 -21.54 -7.08 23.49
C LEU B 181 -21.94 -7.83 24.76
N GLY B 182 -20.96 -8.26 25.55
CA GLY B 182 -21.23 -8.85 26.84
C GLY B 182 -21.76 -10.26 26.77
N TYR B 183 -21.53 -10.96 25.65
CA TYR B 183 -21.75 -12.41 25.58
C TYR B 183 -20.70 -13.14 24.73
N SER B 184 -20.83 -14.46 24.64
CA SER B 184 -19.83 -15.33 24.04
C SER B 184 -20.31 -16.07 22.79
N VAL B 185 -19.76 -15.66 21.65
CA VAL B 185 -20.00 -16.31 20.35
C VAL B 185 -19.65 -17.81 20.43
N LEU B 186 -18.54 -18.09 21.11
CA LEU B 186 -18.08 -19.48 21.22
C LEU B 186 -19.13 -20.40 21.83
N GLU B 187 -19.87 -19.89 22.82
CA GLU B 187 -20.97 -20.63 23.44
C GLU B 187 -21.99 -21.02 22.40
N LEU B 188 -22.33 -20.08 21.54
CA LEU B 188 -23.32 -20.33 20.47
C LEU B 188 -22.79 -21.39 19.52
N ILE B 189 -21.57 -21.20 19.04
CA ILE B 189 -20.97 -22.21 18.15
C ILE B 189 -21.04 -23.59 18.78
N LEU B 190 -20.59 -23.72 20.03
CA LEU B 190 -20.45 -25.05 20.65
C LEU B 190 -21.77 -25.74 21.01
N ASP B 191 -22.83 -24.96 21.13
CA ASP B 191 -24.12 -25.48 21.59
C ASP B 191 -25.07 -25.81 20.43
N ASP B 192 -25.28 -27.10 20.16
CA ASP B 192 -26.25 -27.54 19.14
C ASP B 192 -27.68 -27.10 19.40
N ALA B 193 -28.06 -26.98 20.67
CA ALA B 193 -29.42 -26.62 21.01
C ALA B 193 -29.72 -25.16 20.64
N GLN B 194 -28.66 -24.39 20.37
CA GLN B 194 -28.78 -22.98 20.20
C GLN B 194 -28.80 -22.60 18.70
N ASP B 195 -29.77 -21.78 18.33
CA ASP B 195 -29.85 -21.25 16.98
C ASP B 195 -29.49 -19.77 16.93
N TYR B 196 -29.40 -19.23 15.72
CA TYR B 196 -28.86 -17.89 15.53
C TYR B 196 -29.94 -16.92 15.15
N GLY B 197 -29.75 -15.64 15.50
CA GLY B 197 -30.68 -14.60 15.10
C GLY B 197 -30.06 -13.48 14.27
N ILE B 198 -30.88 -12.47 13.97
CA ILE B 198 -30.47 -11.34 13.21
C ILE B 198 -29.09 -10.89 13.65
N GLU B 199 -28.90 -10.74 14.96
CA GLU B 199 -27.65 -10.17 15.47
C GLU B 199 -26.55 -11.21 15.63
N THR B 200 -26.89 -12.38 16.15
CA THR B 200 -25.86 -13.35 16.44
C THR B 200 -25.36 -14.01 15.15
N THR B 201 -26.20 -14.11 14.12
CA THR B 201 -25.76 -14.67 12.84
C THR B 201 -24.55 -13.88 12.35
N GLN B 202 -24.65 -12.56 12.42
CA GLN B 202 -23.64 -11.67 11.89
C GLN B 202 -22.29 -11.72 12.63
N VAL B 203 -22.30 -11.64 13.97
CA VAL B 203 -21.00 -11.56 14.69
C VAL B 203 -20.30 -12.92 14.64
N THR B 204 -21.10 -13.97 14.57
CA THR B 204 -20.56 -15.29 14.51
C THR B 204 -19.94 -15.62 13.14
N ILE B 205 -20.63 -15.27 12.05
CA ILE B 205 -20.06 -15.46 10.71
C ILE B 205 -18.78 -14.66 10.65
N PHE B 206 -18.82 -13.43 11.14
CA PHE B 206 -17.65 -12.59 11.13
C PHE B 206 -16.50 -13.33 11.80
N ALA B 207 -16.81 -14.06 12.87
CA ALA B 207 -15.79 -14.73 13.66
C ALA B 207 -15.16 -15.90 12.90
N ILE B 208 -16.00 -16.62 12.18
CA ILE B 208 -15.60 -17.73 11.34
C ILE B 208 -14.73 -17.18 10.17
N GLN B 209 -15.16 -16.05 9.60
CA GLN B 209 -14.42 -15.36 8.54
C GLN B 209 -13.02 -14.96 9.01
N ILE B 210 -12.95 -14.36 10.18
CA ILE B 210 -11.66 -13.92 10.70
C ILE B 210 -10.77 -15.13 10.91
N ALA B 211 -11.35 -16.20 11.45
CA ALA B 211 -10.56 -17.36 11.87
C ALA B 211 -10.12 -18.16 10.66
N LEU B 212 -11.00 -18.28 9.66
CA LEU B 212 -10.61 -18.89 8.39
C LEU B 212 -9.46 -18.17 7.68
N GLY B 213 -9.60 -16.87 7.51
CA GLY B 213 -8.56 -16.11 6.85
C GLY B 213 -7.21 -16.26 7.54
N GLU B 214 -7.21 -16.22 8.86
CA GLU B 214 -5.96 -16.17 9.60
C GLU B 214 -5.32 -17.57 9.64
N LEU B 215 -6.17 -18.59 9.52
CA LEU B 215 -5.74 -19.94 9.29
C LEU B 215 -5.01 -20.06 7.91
N LEU B 216 -5.65 -19.54 6.86
CA LEU B 216 -5.00 -19.46 5.54
C LEU B 216 -3.67 -18.70 5.59
N ARG B 217 -3.66 -17.52 6.23
CA ARG B 217 -2.41 -16.81 6.43
C ARG B 217 -1.33 -17.64 7.18
N HIS B 218 -1.72 -18.51 8.11
CA HIS B 218 -0.76 -19.27 8.91
C HIS B 218 0.00 -20.20 8.00
N HIS B 219 -0.75 -20.84 7.11
CA HIS B 219 -0.23 -21.68 6.07
C HIS B 219 0.37 -20.97 4.87
N GLY B 220 0.67 -19.69 4.96
CA GLY B 220 1.35 -18.95 3.87
C GLY B 220 0.50 -18.20 2.84
N ALA B 221 -0.83 -18.30 2.91
CA ALA B 221 -1.66 -17.55 1.96
C ALA B 221 -1.88 -16.09 2.32
N LYS B 222 -2.21 -15.32 1.30
CA LYS B 222 -2.61 -13.95 1.45
C LYS B 222 -3.55 -13.53 0.31
N PRO B 223 -4.35 -12.49 0.56
CA PRO B 223 -5.22 -11.99 -0.48
C PRO B 223 -4.47 -11.01 -1.41
N ALA B 224 -4.68 -11.08 -2.73
CA ALA B 224 -4.24 -9.96 -3.56
C ALA B 224 -5.24 -8.79 -3.45
N ALA B 225 -6.51 -9.12 -3.26
CA ALA B 225 -7.57 -8.11 -3.14
C ALA B 225 -8.68 -8.72 -2.32
N VAL B 226 -9.54 -7.87 -1.77
CA VAL B 226 -10.73 -8.40 -1.09
C VAL B 226 -12.00 -7.79 -1.68
N ILE B 227 -13.10 -8.50 -1.53
CA ILE B 227 -14.41 -7.97 -1.82
C ILE B 227 -15.37 -8.38 -0.70
N GLY B 228 -16.04 -7.41 -0.10
CA GLY B 228 -17.17 -7.71 0.78
C GLY B 228 -18.58 -7.74 0.18
N GLN B 229 -19.46 -8.46 0.88
CA GLN B 229 -20.87 -8.40 0.64
C GLN B 229 -21.62 -8.23 1.97
N SER B 230 -22.07 -7.00 2.25
CA SER B 230 -23.00 -6.76 3.35
C SER B 230 -22.32 -7.06 4.68
N LEU B 231 -22.77 -8.08 5.39
CA LEU B 231 -22.18 -8.32 6.73
C LEU B 231 -20.67 -8.61 6.64
N GLY B 232 -20.25 -9.25 5.54
CA GLY B 232 -18.84 -9.61 5.28
C GLY B 232 -17.91 -8.42 5.20
N GLU B 233 -18.48 -7.24 5.00
CA GLU B 233 -17.69 -6.03 4.82
C GLU B 233 -16.73 -5.75 5.95
N ALA B 234 -17.10 -6.11 7.18
CA ALA B 234 -16.24 -5.86 8.34
C ALA B 234 -14.98 -6.72 8.29
N ALA B 235 -15.14 -8.02 8.05
CA ALA B 235 -13.98 -8.89 7.95
C ALA B 235 -13.09 -8.48 6.76
N SER B 236 -13.72 -8.09 5.65
CA SER B 236 -12.98 -7.59 4.50
C SER B 236 -12.11 -6.40 4.83
N ALA B 237 -12.59 -5.51 5.69
CA ALA B 237 -11.78 -4.35 6.10
C ALA B 237 -10.51 -4.76 6.85
N TYR B 238 -10.66 -5.78 7.69
CA TYR B 238 -9.57 -6.32 8.48
C TYR B 238 -8.54 -6.98 7.56
N PHE B 239 -9.01 -7.85 6.65
CA PHE B 239 -8.10 -8.50 5.74
C PHE B 239 -7.45 -7.56 4.76
N ALA B 240 -8.10 -6.45 4.44
CA ALA B 240 -7.44 -5.47 3.60
C ALA B 240 -6.55 -4.53 4.42
N GLY B 241 -6.41 -4.80 5.72
CA GLY B 241 -5.70 -3.92 6.66
C GLY B 241 -6.17 -2.48 6.77
N GLY B 242 -7.49 -2.26 6.63
CA GLY B 242 -8.13 -0.94 6.77
C GLY B 242 -8.53 -0.64 8.21
N LEU B 243 -8.75 -1.70 9.00
CA LEU B 243 -8.96 -1.56 10.43
C LEU B 243 -8.31 -2.68 11.20
N SER B 244 -7.86 -2.36 12.42
CA SER B 244 -7.43 -3.35 13.39
C SER B 244 -8.54 -4.34 13.66
N LEU B 245 -8.19 -5.51 14.21
CA LEU B 245 -9.22 -6.49 14.54
C LEU B 245 -10.25 -5.90 15.49
N ARG B 246 -9.79 -5.14 16.48
CA ARG B 246 -10.67 -4.53 17.47
C ARG B 246 -11.66 -3.64 16.74
N ASP B 247 -11.14 -2.69 15.96
CA ASP B 247 -11.99 -1.78 15.20
C ASP B 247 -12.96 -2.48 14.24
N ALA B 248 -12.49 -3.56 13.59
CA ALA B 248 -13.38 -4.35 12.71
C ALA B 248 -14.48 -5.07 13.49
N THR B 249 -14.15 -5.48 14.71
CA THR B 249 -15.13 -6.11 15.59
C THR B 249 -16.21 -5.09 16.05
N ARG B 250 -15.79 -3.89 16.41
CA ARG B 250 -16.72 -2.78 16.68
C ARG B 250 -17.67 -2.60 15.49
N ALA B 251 -17.11 -2.48 14.29
CA ALA B 251 -17.92 -2.31 13.08
C ALA B 251 -19.02 -3.37 12.99
N ILE B 252 -18.64 -4.64 13.11
CA ILE B 252 -19.63 -5.71 13.02
C ILE B 252 -20.61 -5.73 14.20
N CYS B 253 -20.09 -5.51 15.42
CA CYS B 253 -20.89 -5.51 16.65
C CYS B 253 -21.98 -4.42 16.64
N SER B 254 -21.59 -3.21 16.26
CA SER B 254 -22.52 -2.10 16.21
C SER B 254 -23.67 -2.33 15.25
N ARG B 255 -23.36 -2.61 13.99
CA ARG B 255 -24.40 -2.70 13.00
C ARG B 255 -25.29 -3.89 13.33
N SER B 256 -24.68 -4.93 13.89
CA SER B 256 -25.37 -6.14 14.22
C SER B 256 -26.40 -6.00 15.39
N HIS B 257 -26.01 -5.43 16.53
CA HIS B 257 -26.98 -5.31 17.65
C HIS B 257 -28.01 -4.24 17.36
N LEU B 258 -27.59 -3.13 16.76
CA LEU B 258 -28.51 -2.15 16.19
C LEU B 258 -29.57 -2.78 15.27
N MET B 259 -29.13 -3.56 14.28
CA MET B 259 -30.10 -4.28 13.44
C MET B 259 -30.97 -5.22 14.27
N GLY B 260 -30.36 -5.90 15.24
CA GLY B 260 -31.09 -6.84 16.10
C GLY B 260 -32.19 -6.13 16.89
N GLU B 261 -31.81 -5.03 17.54
CA GLU B 261 -32.71 -4.27 18.42
C GLU B 261 -33.79 -3.52 17.65
N GLY B 262 -33.43 -2.87 16.54
CA GLY B 262 -34.42 -2.37 15.59
C GLY B 262 -35.40 -3.40 15.02
N GLU B 263 -34.91 -4.60 14.71
CA GLU B 263 -35.74 -5.66 14.06
C GLU B 263 -36.74 -6.22 15.05
N ALA B 264 -36.59 -5.82 16.30
CA ALA B 264 -37.55 -6.14 17.35
C ALA B 264 -38.73 -5.18 17.29
N MET B 265 -38.47 -3.90 17.03
CA MET B 265 -39.51 -2.84 16.98
C MET B 265 -40.26 -2.65 15.63
N LEU B 266 -40.55 -3.75 14.94
CA LEU B 266 -41.21 -3.72 13.61
C LEU B 266 -42.39 -4.71 13.53
N PHE B 267 -43.46 -4.32 12.83
CA PHE B 267 -44.71 -5.11 12.80
C PHE B 267 -45.61 -4.64 11.67
N GLY B 268 -46.65 -5.43 11.42
CA GLY B 268 -47.70 -5.11 10.46
C GLY B 268 -47.11 -4.53 9.19
N GLU B 269 -47.51 -3.31 8.84
CA GLU B 269 -47.12 -2.70 7.58
C GLU B 269 -45.60 -2.78 7.34
N TYR B 270 -44.83 -2.71 8.42
CA TYR B 270 -43.40 -2.38 8.33
C TYR B 270 -42.50 -3.60 8.07
N ILE B 271 -43.04 -4.78 8.26
CA ILE B 271 -42.24 -6.00 8.12
C ILE B 271 -41.72 -6.13 6.70
N ARG B 272 -40.41 -6.30 6.58
CA ARG B 272 -39.81 -6.67 5.31
C ARG B 272 -39.11 -8.01 5.49
N LEU B 273 -39.45 -8.98 4.64
CA LEU B 273 -38.64 -10.18 4.48
C LEU B 273 -37.49 -9.88 3.51
N MET B 274 -36.41 -10.61 3.64
CA MET B 274 -35.34 -10.58 2.65
C MET B 274 -35.26 -11.97 2.01
N ALA B 275 -34.87 -12.00 0.73
CA ALA B 275 -34.77 -13.23 -0.04
C ALA B 275 -33.74 -13.12 -1.17
N LEU B 276 -33.08 -14.23 -1.45
CA LEU B 276 -32.29 -14.40 -2.67
C LEU B 276 -33.13 -15.10 -3.76
N VAL B 277 -33.23 -14.46 -4.92
CA VAL B 277 -34.08 -15.01 -5.97
C VAL B 277 -33.34 -15.01 -7.31
N GLU B 278 -33.59 -16.02 -8.14
CA GLU B 278 -32.97 -16.08 -9.46
C GLU B 278 -33.74 -15.21 -10.45
N TYR B 279 -33.72 -13.92 -10.17
CA TYR B 279 -34.19 -12.91 -11.07
C TYR B 279 -33.15 -11.82 -11.04
N SER B 280 -32.97 -11.23 -12.20
CA SER B 280 -32.19 -10.05 -12.39
C SER B 280 -32.82 -8.86 -11.68
N ALA B 281 -32.01 -7.84 -11.45
CA ALA B 281 -32.50 -6.58 -10.92
C ALA B 281 -33.53 -5.96 -11.85
N ASP B 282 -33.19 -5.96 -13.15
CA ASP B 282 -34.09 -5.52 -14.21
C ASP B 282 -35.43 -6.24 -14.14
N GLU B 283 -35.41 -7.56 -14.03
CA GLU B 283 -36.65 -8.33 -14.03
C GLU B 283 -37.53 -8.09 -12.81
N ILE B 284 -36.88 -7.77 -11.69
CA ILE B 284 -37.58 -7.54 -10.44
C ILE B 284 -38.39 -6.26 -10.57
N ARG B 285 -37.74 -5.21 -11.09
CA ARG B 285 -38.36 -3.94 -11.38
C ARG B 285 -39.45 -4.03 -12.48
N GLU B 286 -39.09 -4.61 -13.63
CA GLU B 286 -39.96 -4.63 -14.79
C GLU B 286 -41.00 -5.74 -14.73
N VAL B 287 -40.60 -7.01 -14.95
CA VAL B 287 -41.54 -8.14 -14.86
C VAL B 287 -42.42 -8.12 -13.59
N PHE B 288 -41.94 -7.54 -12.51
CA PHE B 288 -42.71 -7.61 -11.29
C PHE B 288 -43.14 -6.23 -10.73
N SER B 289 -43.46 -5.28 -11.62
CA SER B 289 -44.06 -3.98 -11.20
C SER B 289 -45.47 -4.05 -10.55
N ASP B 290 -46.13 -5.20 -10.65
CA ASP B 290 -47.32 -5.51 -9.85
C ASP B 290 -46.99 -5.69 -8.37
N PHE B 291 -45.70 -5.66 -8.03
CA PHE B 291 -45.28 -5.75 -6.63
C PHE B 291 -44.34 -4.58 -6.34
N PRO B 292 -44.91 -3.40 -6.07
CA PRO B 292 -44.17 -2.14 -6.09
C PRO B 292 -43.24 -1.91 -4.89
N ASP B 293 -43.31 -2.76 -3.88
CA ASP B 293 -42.46 -2.47 -2.74
C ASP B 293 -41.28 -3.44 -2.55
N LEU B 294 -41.04 -4.27 -3.54
CA LEU B 294 -39.76 -4.99 -3.61
C LEU B 294 -38.64 -3.99 -3.78
N GLU B 295 -37.56 -4.20 -3.06
CA GLU B 295 -36.34 -3.40 -3.33
C GLU B 295 -35.16 -4.31 -3.54
N VAL B 296 -34.12 -3.77 -4.17
CA VAL B 296 -32.89 -4.50 -4.43
C VAL B 296 -31.89 -4.17 -3.35
N CYS B 297 -31.56 -5.18 -2.52
CA CYS B 297 -30.58 -5.02 -1.45
C CYS B 297 -29.15 -5.32 -1.92
N VAL B 298 -28.96 -6.49 -2.52
CA VAL B 298 -27.68 -6.91 -3.09
C VAL B 298 -27.88 -7.30 -4.57
N TYR B 299 -27.16 -6.62 -5.45
CA TYR B 299 -26.95 -7.12 -6.83
C TYR B 299 -25.95 -8.26 -6.73
N ALA B 300 -26.45 -9.47 -6.58
CA ALA B 300 -25.62 -10.62 -6.25
C ALA B 300 -24.90 -11.19 -7.49
N ALA B 301 -25.68 -11.37 -8.56
CA ALA B 301 -25.25 -11.97 -9.83
C ALA B 301 -26.14 -11.39 -10.93
N PRO B 302 -25.72 -11.48 -12.21
CA PRO B 302 -26.58 -10.87 -13.22
C PRO B 302 -27.95 -11.52 -13.26
N THR B 303 -28.06 -12.75 -12.76
CA THR B 303 -29.33 -13.47 -12.69
C THR B 303 -29.89 -13.65 -11.27
N GLN B 304 -29.26 -13.05 -10.27
CA GLN B 304 -29.64 -13.30 -8.87
C GLN B 304 -29.52 -12.06 -8.04
N THR B 305 -30.54 -11.87 -7.21
CA THR B 305 -30.69 -10.62 -6.49
C THR B 305 -31.12 -10.95 -5.06
N VAL B 306 -30.54 -10.24 -4.10
CA VAL B 306 -31.11 -10.21 -2.76
C VAL B 306 -32.09 -9.04 -2.72
N ILE B 307 -33.37 -9.36 -2.52
CA ILE B 307 -34.46 -8.38 -2.43
C ILE B 307 -35.03 -8.25 -1.02
N GLY B 308 -35.49 -7.05 -0.71
CA GLY B 308 -36.33 -6.77 0.47
C GLY B 308 -37.78 -6.55 0.04
N GLY B 309 -38.71 -6.94 0.90
CA GLY B 309 -40.13 -6.75 0.58
C GLY B 309 -41.09 -7.19 1.66
N PRO B 310 -42.33 -6.71 1.56
CA PRO B 310 -43.42 -7.15 2.44
C PRO B 310 -43.86 -8.60 2.17
N PRO B 311 -44.11 -9.38 3.24
CA PRO B 311 -44.30 -10.83 3.14
C PRO B 311 -45.12 -11.32 1.94
N GLU B 312 -46.19 -10.60 1.59
CA GLU B 312 -47.04 -11.02 0.48
C GLU B 312 -46.26 -10.96 -0.84
N GLN B 313 -45.77 -9.77 -1.18
CA GLN B 313 -44.93 -9.57 -2.36
C GLN B 313 -43.75 -10.59 -2.48
N VAL B 314 -43.01 -10.80 -1.39
CA VAL B 314 -41.86 -11.72 -1.38
C VAL B 314 -42.33 -13.15 -1.65
N ASP B 315 -43.49 -13.51 -1.12
CA ASP B 315 -44.03 -14.84 -1.35
C ASP B 315 -44.53 -15.01 -2.78
N ALA B 316 -45.02 -13.95 -3.39
CA ALA B 316 -45.42 -13.99 -4.80
C ALA B 316 -44.21 -14.37 -5.65
N ILE B 317 -43.14 -13.61 -5.48
CA ILE B 317 -41.88 -13.84 -6.15
C ILE B 317 -41.41 -15.29 -5.98
N LEU B 318 -41.29 -15.75 -4.74
CA LEU B 318 -40.87 -17.13 -4.43
C LEU B 318 -41.68 -18.16 -5.21
N ALA B 319 -43.00 -17.95 -5.28
CA ALA B 319 -43.91 -18.84 -6.00
C ALA B 319 -43.68 -18.78 -7.51
N ARG B 320 -43.61 -17.58 -8.07
CA ARG B 320 -43.35 -17.43 -9.49
C ARG B 320 -42.04 -18.17 -9.81
N ALA B 321 -41.02 -17.93 -9.00
CA ALA B 321 -39.71 -18.56 -9.17
C ALA B 321 -39.81 -20.07 -9.17
N GLU B 322 -40.55 -20.61 -8.19
CA GLU B 322 -40.63 -22.05 -8.06
C GLU B 322 -41.48 -22.63 -9.17
N ALA B 323 -42.55 -21.92 -9.52
CA ALA B 323 -43.40 -22.32 -10.63
C ALA B 323 -42.69 -22.10 -11.97
N GLU B 324 -41.44 -21.64 -11.92
CA GLU B 324 -40.61 -21.51 -13.11
C GLU B 324 -39.34 -22.32 -12.96
N GLY B 325 -39.22 -23.04 -11.85
CA GLY B 325 -38.03 -23.80 -11.52
C GLY B 325 -36.77 -22.97 -11.30
N LYS B 326 -36.95 -21.70 -10.91
CA LYS B 326 -35.83 -20.81 -10.60
C LYS B 326 -35.53 -20.82 -9.10
N PHE B 327 -34.29 -20.52 -8.74
CA PHE B 327 -33.89 -20.53 -7.34
C PHE B 327 -34.47 -19.37 -6.49
N ALA B 328 -35.05 -19.72 -5.35
CA ALA B 328 -35.64 -18.74 -4.42
C ALA B 328 -35.49 -19.23 -3.00
N ARG B 329 -35.00 -18.37 -2.12
CA ARG B 329 -34.88 -18.73 -0.69
C ARG B 329 -35.11 -17.49 0.18
N LYS B 330 -36.10 -17.57 1.07
CA LYS B 330 -36.42 -16.46 1.99
C LYS B 330 -35.79 -16.65 3.36
N PHE B 331 -35.64 -15.56 4.10
CA PHE B 331 -34.92 -15.55 5.38
C PHE B 331 -35.71 -14.86 6.47
N ALA B 332 -35.51 -15.35 7.69
CA ALA B 332 -36.18 -14.82 8.88
C ALA B 332 -35.64 -13.44 9.26
N THR B 333 -36.24 -12.42 8.67
CA THR B 333 -36.02 -11.05 9.09
C THR B 333 -37.37 -10.36 8.94
N LYS B 334 -37.62 -9.39 9.81
CA LYS B 334 -38.77 -8.49 9.67
C LYS B 334 -38.24 -7.13 9.19
N GLY B 335 -36.91 -7.09 9.03
CA GLY B 335 -36.21 -5.91 8.52
C GLY B 335 -35.34 -6.22 7.30
N ALA B 336 -35.05 -5.19 6.53
CA ALA B 336 -34.26 -5.31 5.31
C ALA B 336 -33.09 -4.33 5.38
N SER B 337 -31.86 -4.86 5.51
CA SER B 337 -30.64 -4.05 5.42
C SER B 337 -30.58 -3.50 4.01
N HIS B 338 -29.80 -2.44 3.80
CA HIS B 338 -29.64 -1.82 2.46
C HIS B 338 -30.92 -1.24 1.89
N THR B 339 -31.82 -0.82 2.78
CA THR B 339 -33.04 -0.05 2.45
C THR B 339 -33.17 1.13 3.42
N SER B 340 -34.27 1.88 3.34
CA SER B 340 -34.52 3.05 4.20
C SER B 340 -34.88 2.62 5.60
N GLN B 341 -35.39 1.40 5.72
CA GLN B 341 -35.64 0.79 7.01
C GLN B 341 -34.46 0.91 7.98
N MET B 342 -33.24 1.15 7.44
CA MET B 342 -32.03 1.38 8.25
C MET B 342 -31.81 2.81 8.76
N ASP B 343 -32.55 3.76 8.17
CA ASP B 343 -32.39 5.19 8.54
C ASP B 343 -32.37 5.48 10.05
N PRO B 344 -33.32 4.88 10.82
CA PRO B 344 -33.36 5.23 12.24
C PRO B 344 -32.17 4.69 13.05
N LEU B 345 -31.29 3.90 12.43
CA LEU B 345 -30.19 3.25 13.17
C LEU B 345 -28.89 4.04 13.01
N LEU B 346 -28.84 4.87 11.98
CA LEU B 346 -27.61 5.52 11.57
C LEU B 346 -27.01 6.46 12.59
N GLY B 347 -27.86 7.08 13.39
CA GLY B 347 -27.43 8.07 14.39
C GLY B 347 -26.65 7.37 15.50
N GLU B 348 -27.18 6.27 16.02
CA GLU B 348 -26.47 5.48 17.01
C GLU B 348 -25.17 4.88 16.44
N LEU B 349 -25.26 4.21 15.28
CA LEU B 349 -24.07 3.67 14.60
C LEU B 349 -22.95 4.69 14.53
N THR B 350 -23.26 5.87 14.01
CA THR B 350 -22.39 7.03 14.07
C THR B 350 -21.78 7.17 15.46
N ALA B 351 -22.60 7.09 16.51
CA ALA B 351 -22.11 7.30 17.88
C ALA B 351 -21.21 6.16 18.33
N GLU B 352 -21.65 4.93 18.11
CA GLU B 352 -20.85 3.75 18.48
C GLU B 352 -19.47 3.69 17.84
N LEU B 353 -19.34 4.21 16.61
CA LEU B 353 -18.12 4.00 15.86
C LEU B 353 -17.09 5.08 16.04
N GLN B 354 -17.49 6.23 16.60
CA GLN B 354 -16.54 7.31 16.93
C GLN B 354 -15.32 6.72 17.59
N GLY B 355 -14.13 7.10 17.11
CA GLY B 355 -12.89 6.55 17.67
C GLY B 355 -12.26 5.36 16.96
N ILE B 356 -12.96 4.73 16.00
CA ILE B 356 -12.31 3.66 15.19
C ILE B 356 -11.19 4.30 14.38
N LYS B 357 -10.14 3.54 14.10
CA LYS B 357 -8.95 4.11 13.44
C LYS B 357 -8.72 3.49 12.06
N PRO B 358 -9.27 4.12 11.00
CA PRO B 358 -9.10 3.61 9.65
C PRO B 358 -7.66 3.71 9.18
N THR B 359 -7.18 2.66 8.53
CA THR B 359 -5.80 2.64 8.08
C THR B 359 -5.73 2.45 6.57
N SER B 360 -4.61 2.87 6.00
CA SER B 360 -4.32 2.65 4.60
C SER B 360 -4.40 1.17 4.29
N PRO B 361 -5.20 0.79 3.29
CA PRO B 361 -5.29 -0.64 2.96
C PRO B 361 -3.93 -1.21 2.57
N THR B 362 -3.69 -2.46 2.95
CA THR B 362 -2.47 -3.17 2.55
C THR B 362 -2.67 -4.10 1.34
N CYS B 363 -3.92 -4.34 0.93
CA CYS B 363 -4.18 -5.00 -0.36
C CYS B 363 -5.28 -4.23 -1.11
N GLY B 364 -5.65 -4.70 -2.30
CA GLY B 364 -6.60 -3.98 -3.09
C GLY B 364 -7.98 -4.26 -2.57
N ILE B 365 -8.91 -3.35 -2.84
CA ILE B 365 -10.30 -3.53 -2.44
C ILE B 365 -11.24 -3.26 -3.59
N PHE B 366 -12.09 -4.21 -3.87
CA PHE B 366 -13.21 -3.95 -4.74
C PHE B 366 -14.38 -3.59 -3.82
N SER B 367 -14.56 -2.28 -3.58
CA SER B 367 -15.61 -1.80 -2.65
C SER B 367 -17.06 -1.85 -3.19
N THR B 368 -17.84 -2.84 -2.74
CA THR B 368 -19.25 -2.98 -3.09
C THR B 368 -20.15 -1.94 -2.38
N VAL B 369 -19.55 -1.22 -1.44
CA VAL B 369 -20.16 -0.03 -0.86
C VAL B 369 -20.03 1.13 -1.85
N HIS B 370 -18.83 1.32 -2.41
CA HIS B 370 -18.64 2.38 -3.38
C HIS B 370 -18.82 1.91 -4.78
N GLU B 371 -19.98 1.31 -5.02
CA GLU B 371 -20.47 0.93 -6.35
C GLU B 371 -19.55 -0.04 -7.13
N GLY B 372 -18.75 -0.83 -6.43
CA GLY B 372 -17.98 -1.90 -7.05
C GLY B 372 -16.59 -1.44 -7.44
N ARG B 373 -16.28 -0.18 -7.16
CA ARG B 373 -15.04 0.40 -7.66
C ARG B 373 -13.77 -0.19 -7.00
N TYR B 374 -12.66 -0.16 -7.74
CA TYR B 374 -11.43 -0.65 -7.18
C TYR B 374 -10.67 0.43 -6.45
N ILE B 375 -10.19 0.10 -5.27
CA ILE B 375 -9.30 0.99 -4.54
C ILE B 375 -7.96 0.27 -4.48
N LYS B 376 -6.95 0.91 -5.07
CA LYS B 376 -5.59 0.38 -5.02
C LYS B 376 -5.07 0.54 -3.59
N PRO B 377 -4.24 -0.41 -3.13
CA PRO B 377 -3.69 -0.37 -1.78
C PRO B 377 -2.81 0.84 -1.54
N GLY B 378 -2.48 1.10 -0.28
CA GLY B 378 -1.60 2.20 0.07
C GLY B 378 -2.15 3.59 -0.19
N GLY B 379 -3.47 3.71 -0.39
CA GLY B 379 -4.09 5.04 -0.50
C GLY B 379 -4.52 5.59 0.87
N GLU B 380 -5.30 6.66 0.84
CA GLU B 380 -5.96 7.20 2.05
C GLU B 380 -6.92 6.16 2.63
N PRO B 381 -6.99 6.06 3.98
CA PRO B 381 -7.92 5.06 4.57
C PRO B 381 -9.36 5.28 4.04
N ILE B 382 -10.16 4.23 3.91
CA ILE B 382 -11.54 4.43 3.41
C ILE B 382 -12.63 3.96 4.38
N HIS B 383 -12.25 3.12 5.33
CA HIS B 383 -13.19 2.53 6.31
C HIS B 383 -13.59 3.44 7.44
N ASP B 384 -13.87 4.70 7.06
CA ASP B 384 -14.67 5.73 7.77
C ASP B 384 -15.90 5.24 8.46
N VAL B 385 -16.21 5.85 9.59
CA VAL B 385 -17.56 5.89 10.14
C VAL B 385 -18.61 6.07 9.02
N GLU B 386 -18.40 7.05 8.13
CA GLU B 386 -19.29 7.25 6.98
C GLU B 386 -19.40 6.02 6.10
N TYR B 387 -18.28 5.32 5.92
CA TYR B 387 -18.24 4.11 5.14
C TYR B 387 -19.24 3.10 5.66
N TRP B 388 -19.24 2.88 6.97
CA TRP B 388 -20.11 1.86 7.59
C TRP B 388 -21.57 2.20 7.57
N LYS B 389 -21.88 3.49 7.57
CA LYS B 389 -23.26 3.97 7.48
C LYS B 389 -23.75 3.78 6.07
N LYS B 390 -22.96 4.20 5.09
CA LYS B 390 -23.32 4.03 3.68
C LYS B 390 -23.54 2.55 3.39
N GLY B 391 -22.59 1.72 3.78
CA GLY B 391 -22.71 0.26 3.52
C GLY B 391 -23.99 -0.39 4.00
N LEU B 392 -24.38 -0.06 5.23
CA LEU B 392 -25.60 -0.59 5.82
C LEU B 392 -26.89 -0.07 5.16
N ARG B 393 -26.89 1.23 4.89
CA ARG B 393 -28.03 1.97 4.28
C ARG B 393 -28.25 1.64 2.80
N HIS B 394 -27.17 1.67 2.03
CA HIS B 394 -27.29 1.56 0.57
C HIS B 394 -27.04 0.21 0.01
N SER B 395 -27.40 0.08 -1.26
CA SER B 395 -27.24 -1.15 -2.04
C SER B 395 -25.82 -1.70 -2.09
N VAL B 396 -25.74 -3.02 -2.19
CA VAL B 396 -24.48 -3.78 -2.26
C VAL B 396 -24.16 -4.14 -3.72
N TYR B 397 -23.21 -3.41 -4.32
CA TYR B 397 -22.87 -3.60 -5.75
C TYR B 397 -21.88 -4.76 -5.98
N PHE B 398 -22.32 -5.97 -5.62
CA PHE B 398 -21.49 -7.16 -5.66
C PHE B 398 -21.13 -7.70 -7.06
N THR B 399 -22.09 -7.91 -7.97
CA THR B 399 -21.70 -8.23 -9.36
C THR B 399 -20.77 -7.20 -9.97
N HIS B 400 -21.04 -5.94 -9.66
CA HIS B 400 -20.22 -4.86 -10.18
C HIS B 400 -18.81 -5.00 -9.73
N GLY B 401 -18.62 -5.40 -8.47
CA GLY B 401 -17.31 -5.66 -7.93
C GLY B 401 -16.59 -6.84 -8.55
N ILE B 402 -17.28 -7.98 -8.67
CA ILE B 402 -16.73 -9.19 -9.30
C ILE B 402 -16.34 -8.96 -10.76
N ARG B 403 -17.28 -8.49 -11.58
CA ARG B 403 -16.99 -8.12 -12.98
C ARG B 403 -15.77 -7.18 -13.05
N ASN B 404 -15.73 -6.21 -12.16
CA ASN B 404 -14.61 -5.32 -12.08
C ASN B 404 -13.27 -6.05 -11.75
N ALA B 405 -13.34 -7.05 -10.88
CA ALA B 405 -12.16 -7.86 -10.61
C ALA B 405 -11.73 -8.64 -11.87
N VAL B 406 -12.69 -9.29 -12.51
CA VAL B 406 -12.39 -9.99 -13.77
C VAL B 406 -11.77 -9.02 -14.78
N ASP B 407 -12.44 -7.89 -15.05
CA ASP B 407 -11.93 -6.92 -16.00
C ASP B 407 -10.50 -6.47 -15.71
N SER B 408 -10.07 -6.56 -14.45
CA SER B 408 -8.69 -6.22 -14.18
C SER B 408 -7.77 -7.46 -14.10
N GLY B 409 -8.28 -8.63 -14.49
CA GLY B 409 -7.48 -9.82 -14.62
C GLY B 409 -7.43 -10.84 -13.48
N HIS B 410 -8.24 -10.68 -12.42
CA HIS B 410 -8.33 -11.73 -11.41
C HIS B 410 -9.12 -12.85 -11.94
N THR B 411 -8.68 -14.07 -11.68
CA THR B 411 -9.41 -15.27 -12.10
C THR B 411 -9.66 -16.21 -10.88
N THR B 412 -8.87 -16.06 -9.83
CA THR B 412 -9.05 -16.84 -8.58
C THR B 412 -9.90 -16.12 -7.49
N PHE B 413 -11.05 -16.70 -7.18
CA PHE B 413 -11.90 -16.14 -6.11
C PHE B 413 -12.06 -17.17 -4.99
N LEU B 414 -11.67 -16.76 -3.78
CA LEU B 414 -11.71 -17.67 -2.63
C LEU B 414 -12.68 -17.10 -1.61
N GLU B 415 -13.68 -17.86 -1.22
CA GLU B 415 -14.60 -17.37 -0.20
C GLU B 415 -14.36 -17.96 1.18
N LEU B 416 -14.17 -17.07 2.14
CA LEU B 416 -14.13 -17.41 3.55
C LEU B 416 -15.59 -17.40 4.03
N ALA B 417 -16.17 -18.58 4.23
CA ALA B 417 -17.55 -18.67 4.65
C ALA B 417 -17.83 -19.96 5.41
N PRO B 418 -18.91 -19.97 6.24
CA PRO B 418 -19.38 -21.26 6.77
C PRO B 418 -20.06 -22.09 5.71
N ASN B 419 -20.44 -21.47 4.60
CA ASN B 419 -21.12 -22.17 3.49
C ASN B 419 -21.00 -21.24 2.26
N PRO B 420 -20.71 -21.77 1.07
CA PRO B 420 -20.21 -20.82 0.10
C PRO B 420 -21.26 -20.24 -0.84
N VAL B 421 -22.38 -19.76 -0.28
CA VAL B 421 -23.47 -19.16 -1.11
C VAL B 421 -23.00 -18.08 -2.08
N ALA B 422 -22.22 -17.13 -1.60
CA ALA B 422 -21.70 -16.08 -2.46
C ALA B 422 -20.77 -16.58 -3.58
N LEU B 423 -20.01 -17.65 -3.35
CA LEU B 423 -19.11 -18.18 -4.41
C LEU B 423 -19.89 -18.63 -5.64
N MET B 424 -21.05 -19.23 -5.37
CA MET B 424 -21.98 -19.63 -6.42
C MET B 424 -22.45 -18.41 -7.23
N GLN B 425 -22.61 -17.27 -6.57
CA GLN B 425 -22.93 -16.04 -7.26
C GLN B 425 -21.74 -15.55 -8.08
N VAL B 426 -20.51 -15.68 -7.54
CA VAL B 426 -19.30 -15.28 -8.25
C VAL B 426 -19.22 -16.07 -9.56
N ALA B 427 -19.47 -17.38 -9.47
CA ALA B 427 -19.55 -18.28 -10.65
C ALA B 427 -20.44 -17.76 -11.78
N LEU B 428 -21.56 -17.13 -11.43
CA LEU B 428 -22.47 -16.59 -12.44
C LEU B 428 -21.92 -15.32 -13.09
N THR B 429 -21.27 -14.47 -12.30
CA THR B 429 -20.72 -13.24 -12.88
C THR B 429 -19.47 -13.48 -13.71
N THR B 430 -18.61 -14.42 -13.30
CA THR B 430 -17.43 -14.74 -14.08
C THR B 430 -17.82 -15.32 -15.44
N ALA B 431 -18.76 -16.26 -15.45
CA ALA B 431 -19.24 -16.85 -16.69
C ALA B 431 -19.88 -15.79 -17.61
N ASP B 432 -20.65 -14.88 -17.03
CA ASP B 432 -21.32 -13.84 -17.77
C ASP B 432 -20.35 -12.83 -18.36
N ALA B 433 -19.22 -12.62 -17.69
CA ALA B 433 -18.15 -11.80 -18.25
C ALA B 433 -17.28 -12.62 -19.23
N GLY B 434 -17.61 -13.90 -19.41
CA GLY B 434 -16.88 -14.71 -20.37
C GLY B 434 -15.73 -15.53 -19.82
N LEU B 435 -15.45 -15.39 -18.53
CA LEU B 435 -14.39 -16.15 -17.87
C LEU B 435 -14.97 -17.50 -17.46
N HIS B 436 -14.76 -18.52 -18.27
CA HIS B 436 -15.42 -19.81 -18.04
C HIS B 436 -14.60 -20.79 -17.28
N ASP B 437 -13.38 -20.40 -16.97
CA ASP B 437 -12.51 -21.27 -16.18
C ASP B 437 -11.93 -20.51 -14.98
N ALA B 438 -12.79 -19.82 -14.22
CA ALA B 438 -12.30 -19.11 -13.04
C ALA B 438 -11.86 -20.16 -12.02
N GLN B 439 -10.87 -19.83 -11.19
CA GLN B 439 -10.60 -20.70 -10.03
C GLN B 439 -11.50 -20.24 -8.86
N LEU B 440 -12.52 -21.05 -8.58
CA LEU B 440 -13.49 -20.75 -7.54
C LEU B 440 -13.21 -21.65 -6.34
N ILE B 441 -12.72 -21.03 -5.29
CA ILE B 441 -12.24 -21.79 -4.13
C ILE B 441 -13.10 -21.60 -2.87
N PRO B 442 -14.00 -22.55 -2.56
CA PRO B 442 -14.74 -22.39 -1.29
C PRO B 442 -13.86 -22.68 -0.07
N THR B 443 -14.37 -22.44 1.11
CA THR B 443 -13.76 -22.98 2.32
C THR B 443 -14.79 -23.95 2.89
N LEU B 444 -15.38 -23.63 4.04
CA LEU B 444 -16.29 -24.55 4.72
C LEU B 444 -17.65 -24.69 4.01
N ALA B 445 -18.27 -25.85 4.13
CA ALA B 445 -19.60 -26.06 3.55
C ALA B 445 -20.44 -26.87 4.50
N ARG B 446 -21.75 -26.63 4.50
CA ARG B 446 -22.68 -27.43 5.29
C ARG B 446 -22.70 -28.87 4.77
N LYS B 447 -22.74 -29.82 5.70
CA LYS B 447 -22.76 -31.26 5.37
C LYS B 447 -21.53 -31.76 4.59
N GLN B 448 -20.38 -31.08 4.78
CA GLN B 448 -19.06 -31.59 4.35
C GLN B 448 -18.13 -31.42 5.53
N ASP B 449 -17.27 -32.42 5.75
CA ASP B 449 -16.24 -32.39 6.77
C ASP B 449 -15.39 -31.14 6.62
N GLU B 450 -15.22 -30.44 7.73
CA GLU B 450 -14.62 -29.12 7.69
C GLU B 450 -13.10 -29.16 7.58
N VAL B 451 -12.48 -30.19 8.15
CA VAL B 451 -11.03 -30.31 8.09
C VAL B 451 -10.63 -30.64 6.65
N SER B 452 -11.37 -31.57 6.06
CA SER B 452 -11.09 -32.00 4.71
C SER B 452 -11.39 -30.88 3.70
N SER B 453 -12.39 -30.03 4.00
CA SER B 453 -12.66 -28.85 3.17
C SER B 453 -11.48 -27.93 3.18
N MET B 454 -10.90 -27.68 4.34
CA MET B 454 -9.81 -26.75 4.42
C MET B 454 -8.56 -27.24 3.66
N VAL B 455 -8.31 -28.56 3.69
CA VAL B 455 -7.26 -29.20 2.90
C VAL B 455 -7.41 -28.90 1.38
N SER B 456 -8.61 -29.17 0.84
CA SER B 456 -8.96 -28.87 -0.54
C SER B 456 -8.69 -27.42 -0.91
N THR B 457 -9.19 -26.51 -0.07
CA THR B 457 -8.98 -25.06 -0.26
C THR B 457 -7.49 -24.83 -0.41
N MET B 458 -6.70 -25.45 0.47
CA MET B 458 -5.28 -25.09 0.50
C MET B 458 -4.55 -25.75 -0.67
N ALA B 459 -5.04 -26.93 -1.08
CA ALA B 459 -4.56 -27.66 -2.22
C ALA B 459 -4.75 -26.84 -3.47
N GLN B 460 -5.92 -26.20 -3.60
CA GLN B 460 -6.25 -25.43 -4.77
C GLN B 460 -5.35 -24.23 -4.86
N LEU B 461 -5.11 -23.56 -3.75
CA LEU B 461 -4.19 -22.43 -3.72
C LEU B 461 -2.82 -22.82 -4.22
N TYR B 462 -2.29 -23.90 -3.63
CA TYR B 462 -1.02 -24.49 -4.08
C TYR B 462 -0.99 -24.70 -5.60
N VAL B 463 -1.95 -25.45 -6.11
CA VAL B 463 -1.94 -25.83 -7.52
C VAL B 463 -1.77 -24.60 -8.43
N TYR B 464 -2.60 -23.58 -8.24
CA TYR B 464 -2.60 -22.40 -9.14
C TYR B 464 -1.43 -21.47 -8.92
N GLY B 465 -0.52 -21.88 -8.04
CA GLY B 465 0.72 -21.12 -7.79
C GLY B 465 0.57 -19.89 -6.90
N HIS B 466 -0.52 -19.79 -6.15
CA HIS B 466 -0.64 -18.74 -5.13
C HIS B 466 0.20 -19.06 -3.92
N ASP B 467 0.62 -18.03 -3.17
CA ASP B 467 1.31 -18.24 -1.89
C ASP B 467 0.50 -19.26 -1.08
N LEU B 468 1.19 -20.34 -0.74
CA LEU B 468 0.72 -21.47 0.05
C LEU B 468 1.93 -22.38 0.23
N ASP B 469 2.42 -22.53 1.46
CA ASP B 469 3.52 -23.44 1.72
C ASP B 469 2.91 -24.79 2.00
N ILE B 470 2.94 -25.66 1.00
CA ILE B 470 2.27 -26.95 1.14
C ILE B 470 2.99 -27.86 2.16
N ARG B 471 4.24 -27.51 2.53
CA ARG B 471 4.96 -28.29 3.57
C ARG B 471 4.20 -28.25 4.90
N THR B 472 3.49 -27.13 5.15
CA THR B 472 2.75 -26.96 6.41
C THR B 472 1.44 -27.76 6.47
N LEU B 473 1.14 -28.56 5.47
CA LEU B 473 -0.06 -29.42 5.51
C LEU B 473 0.22 -30.79 6.12
N PHE B 474 1.46 -30.96 6.58
CA PHE B 474 1.96 -32.19 7.18
C PHE B 474 2.72 -31.77 8.41
N SER B 475 2.60 -32.53 9.48
CA SER B 475 3.40 -32.28 10.66
C SER B 475 4.87 -32.57 10.34
N ARG B 476 5.80 -31.83 10.94
CA ARG B 476 7.22 -32.06 10.72
C ARG B 476 7.57 -33.51 11.04
N ALA B 477 8.46 -34.11 10.23
CA ALA B 477 8.86 -35.52 10.45
C ALA B 477 9.55 -35.69 11.80
N SER B 478 9.28 -36.83 12.43
CA SER B 478 9.81 -37.16 13.77
C SER B 478 10.85 -38.27 13.65
N GLY B 479 10.95 -38.84 12.45
CA GLY B 479 11.83 -39.95 12.15
C GLY B 479 11.70 -40.36 10.69
N PRO B 480 12.60 -41.27 10.21
CA PRO B 480 12.57 -41.65 8.80
C PRO B 480 11.23 -42.27 8.44
N GLN B 481 10.55 -42.89 9.42
CA GLN B 481 9.20 -43.47 9.18
C GLN B 481 8.16 -42.45 8.66
N ASP B 482 8.43 -41.15 8.84
CA ASP B 482 7.49 -40.12 8.39
C ASP B 482 7.72 -39.70 6.91
N TYR B 483 8.64 -40.40 6.23
CA TYR B 483 8.90 -40.12 4.82
C TYR B 483 8.87 -41.40 4.04
N ALA B 484 7.81 -41.64 3.26
CA ALA B 484 7.81 -42.67 2.19
C ALA B 484 9.07 -42.50 1.31
N ASN B 485 9.63 -43.63 0.86
CA ASN B 485 10.77 -43.60 -0.03
C ASN B 485 10.26 -43.52 -1.47
N ILE B 486 9.83 -42.35 -1.87
CA ILE B 486 9.20 -42.23 -3.17
C ILE B 486 10.35 -42.17 -4.20
N PRO B 487 10.09 -42.61 -5.44
CA PRO B 487 11.22 -42.63 -6.37
C PRO B 487 11.61 -41.19 -6.75
N PRO B 488 12.92 -40.92 -6.86
CA PRO B 488 13.33 -39.62 -7.37
C PRO B 488 12.93 -39.55 -8.83
N THR B 489 12.72 -38.35 -9.33
CA THR B 489 12.45 -38.23 -10.75
C THR B 489 13.73 -37.76 -11.45
N ARG B 490 14.06 -38.43 -12.55
CA ARG B 490 15.22 -38.02 -13.34
C ARG B 490 14.85 -37.19 -14.58
N PHE B 491 13.85 -36.33 -14.46
CA PHE B 491 13.44 -35.47 -15.59
C PHE B 491 14.09 -34.08 -15.55
N ASP C 2 -27.51 -26.63 -8.68
CA ASP C 2 -26.03 -26.47 -8.57
C ASP C 2 -25.52 -26.37 -7.13
N LYS C 3 -24.56 -27.22 -6.77
CA LYS C 3 -23.95 -27.21 -5.44
C LYS C 3 -22.45 -27.56 -5.45
N GLU C 4 -21.87 -27.65 -4.26
CA GLU C 4 -20.48 -28.00 -4.07
C GLU C 4 -20.37 -29.47 -3.67
N ASN C 5 -19.33 -30.17 -4.10
CA ASN C 5 -19.04 -31.47 -3.56
C ASN C 5 -18.02 -31.33 -2.45
N PHE C 6 -17.36 -32.38 -2.03
CA PHE C 6 -16.50 -32.14 -0.91
C PHE C 6 -15.09 -31.78 -1.19
N TRP C 7 -14.78 -31.44 -2.42
CA TRP C 7 -13.49 -30.92 -2.70
C TRP C 7 -13.60 -29.53 -3.10
N GLY C 8 -14.82 -29.01 -3.12
CA GLY C 8 -15.01 -27.58 -3.35
C GLY C 8 -15.38 -27.16 -4.75
N MET C 9 -15.94 -28.06 -5.54
CA MET C 9 -16.32 -27.69 -6.91
C MET C 9 -17.81 -27.66 -7.23
N ALA C 10 -18.15 -26.66 -8.06
CA ALA C 10 -19.50 -26.43 -8.52
C ALA C 10 -20.02 -27.65 -9.30
N VAL C 11 -20.95 -28.36 -8.67
CA VAL C 11 -21.56 -29.58 -9.20
C VAL C 11 -23.04 -29.31 -9.51
N ASP D 2 4.59 5.28 0.76
CA ASP D 2 4.37 6.74 1.03
C ASP D 2 3.93 7.46 -0.24
N LYS D 3 2.87 8.26 -0.12
CA LYS D 3 2.42 9.10 -1.23
C LYS D 3 2.44 10.56 -0.83
N GLU D 4 3.53 11.25 -1.18
CA GLU D 4 3.67 12.70 -0.96
C GLU D 4 2.74 13.47 -1.92
N ASN D 5 1.63 14.01 -1.38
CA ASN D 5 0.52 14.58 -2.18
C ASN D 5 0.73 16.00 -2.79
N PHE D 6 -0.34 16.52 -3.40
CA PHE D 6 -0.35 17.82 -4.13
C PHE D 6 0.05 19.08 -3.33
N TRP D 7 0.50 18.90 -2.09
CA TRP D 7 0.88 20.02 -1.20
C TRP D 7 2.13 19.79 -0.41
N GLY D 8 2.92 18.79 -0.80
CA GLY D 8 4.10 18.41 -0.04
C GLY D 8 3.87 17.74 1.30
N MET D 9 3.11 16.65 1.30
CA MET D 9 2.80 15.89 2.52
C MET D 9 2.96 14.38 2.35
N ALA D 10 3.83 13.79 3.17
CA ALA D 10 4.11 12.34 3.13
C ALA D 10 2.94 11.47 3.64
N VAL D 11 1.98 11.21 2.75
CA VAL D 11 0.86 10.33 3.08
C VAL D 11 1.15 8.87 2.67
C1 PLM E . 25.95 8.47 -6.25
O2 PLM E . 27.16 8.69 -6.57
C2 PLM E . 25.44 7.81 -7.50
C3 PLM E . 24.50 8.68 -8.34
C4 PLM E . 24.70 8.64 -9.86
C5 PLM E . 23.71 7.75 -10.63
C6 PLM E . 24.39 6.74 -11.57
C7 PLM E . 25.10 5.55 -10.90
C8 PLM E . 26.62 5.76 -10.79
C9 PLM E . 27.49 4.52 -11.06
CA PLM E . 28.74 4.81 -11.90
CB PLM E . 29.90 3.81 -11.71
CC PLM E . 30.58 3.33 -13.00
CD PLM E . 32.09 3.55 -13.03
CE PLM E . 32.88 2.32 -13.50
CF PLM E . 34.38 2.58 -13.51
CG PLM E . 35.16 1.41 -14.07
C1 GOL F . 26.00 12.62 -22.96
O1 GOL F . 26.76 11.40 -22.86
C2 GOL F . 26.97 13.80 -23.00
O2 GOL F . 27.94 13.57 -21.99
C3 GOL F . 26.33 15.16 -22.74
O3 GOL F . 25.24 15.51 -23.63
C1 GOL G . 24.63 18.00 16.13
O1 GOL G . 25.09 16.83 16.82
C2 GOL G . 25.10 19.29 16.80
O2 GOL G . 26.36 19.06 17.48
C3 GOL G . 24.06 19.80 17.77
O3 GOL G . 23.07 20.54 17.08
C1 GOL H . 18.96 5.14 -12.35
O1 GOL H . 20.04 5.68 -11.58
C2 GOL H . 17.96 4.41 -11.47
O2 GOL H . 17.19 3.48 -12.23
C3 GOL H . 16.96 5.39 -10.91
O3 GOL H . 15.96 4.66 -10.20
C1 GOL I . 15.97 29.91 12.86
O1 GOL I . 16.00 29.08 14.03
C2 GOL I . 15.50 29.10 11.65
O2 GOL I . 14.83 27.90 12.07
C3 GOL I . 16.68 28.78 10.73
O3 GOL I . 16.32 28.87 9.34
C1 GOL J . -13.10 32.21 -8.74
O1 GOL J . -14.14 31.27 -8.40
C2 GOL J . -12.04 32.19 -7.66
O2 GOL J . -12.64 32.08 -6.36
C3 GOL J . -11.20 33.46 -7.71
O3 GOL J . -10.47 33.55 -6.48
C1 PLM K . -26.15 -7.40 5.13
O2 PLM K . -25.91 -7.02 6.30
C2 PLM K . -27.30 -8.38 5.12
C3 PLM K . -26.95 -9.47 6.15
C4 PLM K . -28.12 -10.00 7.01
C5 PLM K . -29.28 -9.01 7.19
C6 PLM K . -30.46 -9.70 7.86
C7 PLM K . -30.99 -8.94 9.08
C8 PLM K . -32.05 -7.86 8.75
C9 PLM K . -32.50 -7.14 10.04
CA PLM K . -33.13 -5.75 9.81
CB PLM K . -32.95 -4.71 10.93
CC PLM K . -34.29 -4.09 11.32
CD PLM K . -34.49 -2.60 11.00
CE PLM K . -34.39 -1.69 12.22
CF PLM K . -35.34 -0.47 12.16
CG PLM K . -35.97 -0.07 13.50
C1 GOL L . 0.18 -15.00 -4.39
O1 GOL L . -0.92 -15.31 -3.45
C2 GOL L . -0.29 -14.61 -5.81
O2 GOL L . -0.84 -15.74 -6.47
C3 GOL L . 0.82 -14.08 -6.71
O3 GOL L . 0.54 -14.42 -8.08
C1 GOL M . -26.82 -13.21 23.23
O1 GOL M . -27.04 -14.64 23.20
C2 GOL M . -27.99 -12.46 22.58
O2 GOL M . -28.44 -13.11 21.39
C3 GOL M . -27.66 -11.04 22.16
O3 GOL M . -28.86 -10.53 21.56
S SO4 N . -27.35 -25.56 1.45
O1 SO4 N . -26.35 -25.74 0.38
O2 SO4 N . -26.65 -25.44 2.75
O3 SO4 N . -28.12 -24.34 1.15
O4 SO4 N . -28.27 -26.73 1.49
S SO4 O . -20.44 -34.94 -2.24
O1 SO4 O . -19.06 -34.84 -2.74
O2 SO4 O . -20.75 -36.38 -2.08
O3 SO4 O . -20.54 -34.23 -0.95
O4 SO4 O . -21.42 -34.32 -3.17
#